data_9MFQ
#
_entry.id   9MFQ
#
_cell.length_a   85.730
_cell.length_b   85.730
_cell.length_c   348.480
_cell.angle_alpha   90.00
_cell.angle_beta   90.00
_cell.angle_gamma   90.00
#
_symmetry.space_group_name_H-M   'P 43 21 2'
#
loop_
_entity.id
_entity.type
_entity.pdbx_description
1 polymer 'RNA helicase'
2 non-polymer N-[3-(methanesulfonamido)phenyl]-4-phenylthiophene-2-carboxamide
3 non-polymer "ADENOSINE-5'-DIPHOSPHATE"
4 non-polymer 'MAGNESIUM ION'
5 non-polymer 'SULFATE ION'
6 non-polymer 1,2-ETHANEDIOL
7 water water
#
_entity_poly.entity_id   1
_entity_poly.type   'polypeptide(L)'
_entity_poly.pdbx_seq_one_letter_code
;MSRKEEQEVQATLESEEVDLNAGLHGNWTLENAKARLNQYFQKEKIQGEYKYTQVGPDHNRSFIAEMTIYIKQLGRRIFA
REHGSNKKLAAQSCALSLVRQLYHLGVIEAYSGLTKKKEGETVEPYKVNLSQDLEHQLQNVIQELNLEIVPPPEDPFLPV
VLNLGKLAHFEPSQRQNQIGVVPWSPPQSNWNPWTSSNIDEGPLAYATPEQISMDLKNELMYQLEQDHDLQAILQERELL
PVKKFESEILEAISQNSVIIIRGATGCGKTTQVPQFILDDFIQNDRAAECNIVVTQPRRISAVSVAERVAYERGEEPGKS
CGYSVRFESVLPRPHASIMFCTVGVLLRKLEAGIRGISHVIVDEIHERDINTDFLLVVLRDVVQAYPEVRIVLMSATIDT
SMFCEYFFNCPIIEVYGRTYPVQEYFLEDCIQMTHFVPPPKDKKKKEKDDDGFEDDDANCNLICGDEYGPETRMSMAQLN
EKETPFELIEALLKYIETLNVPGAVLVFLPGWNLIYTMQKHLEMNPHFGSHRYQILPLHSQIPREEQRKVFDPVPSGVTK
VILSTNIAETSITINDVVYVIDSCKQKVKLFTAHNNMTNYATVWASKTNLEQRKGRAGRVRPGFCFHLCSRARFERLETH
MTPEMFRTPLHEIALSIKLLRLGGIGQFLAKAIEPPPLDAVIEAEHTLRELDALDANDELTPLGRILAKLPIEPRFGKMM
IMGCIFYVGDAVCTISAATCFPEPFISEGKRLGYVHRNFAGNRFSDHVALLSVFQAWDDARMGGEEAEIRFCEHKRLNMA
TLRMTWEAKVQLKEILINSGFPEDCLLTQVFTNTGPDNNLDVVISLLAFGVYPNVCYHKEKRKILTTEGRNALIHKSSVN
CPFSSQDMKYPSPFFVFGEKIRTRAISAKGMTLVTPLQLLLFASKKVQSDGQIVLVDDWIRLQISHEAAACITALRAAME
ALVVEVTKQPNIISQLDPVNEHMLNMIRQISRPSAAGINLMIDYKDDDDK
;
_entity_poly.pdbx_strand_id   A
#
# COMPACT_ATOMS: atom_id res chain seq x y z
N THR A 122 35.16 7.98 11.55
CA THR A 122 35.35 7.32 10.22
C THR A 122 35.40 5.79 10.42
N VAL A 123 35.58 5.04 9.33
CA VAL A 123 35.72 3.55 9.34
C VAL A 123 36.79 3.15 8.32
N GLU A 124 37.68 2.22 8.70
CA GLU A 124 38.79 1.70 7.84
C GLU A 124 38.19 0.99 6.62
N PRO A 125 38.93 0.93 5.49
CA PRO A 125 38.45 0.19 4.32
C PRO A 125 38.40 -1.31 4.62
N TYR A 126 37.25 -1.94 4.40
CA TYR A 126 36.98 -3.39 4.67
C TYR A 126 37.75 -4.23 3.65
N LYS A 127 38.57 -5.18 4.13
CA LYS A 127 39.38 -6.10 3.27
C LYS A 127 38.49 -7.23 2.77
N VAL A 128 38.50 -7.48 1.46
CA VAL A 128 37.70 -8.53 0.77
C VAL A 128 38.66 -9.65 0.33
N ASN A 129 38.72 -10.74 1.10
CA ASN A 129 39.62 -11.89 0.85
C ASN A 129 39.04 -12.72 -0.31
N LEU A 130 39.38 -12.33 -1.54
CA LEU A 130 38.93 -12.95 -2.81
C LEU A 130 40.05 -13.85 -3.36
N SER A 131 39.74 -15.12 -3.68
CA SER A 131 40.70 -16.15 -4.12
C SER A 131 41.26 -15.80 -5.51
N GLN A 132 42.45 -16.32 -5.82
CA GLN A 132 43.16 -16.11 -7.12
C GLN A 132 42.40 -16.80 -8.25
N ASP A 133 41.84 -18.00 -7.99
CA ASP A 133 41.05 -18.80 -8.95
C ASP A 133 39.86 -17.96 -9.47
N LEU A 134 39.11 -17.34 -8.56
CA LEU A 134 37.88 -16.57 -8.86
C LEU A 134 38.23 -15.29 -9.62
N GLU A 135 39.28 -14.58 -9.18
CA GLU A 135 39.75 -13.30 -9.78
C GLU A 135 40.11 -13.51 -11.26
N HIS A 136 40.68 -14.67 -11.61
CA HIS A 136 40.97 -15.09 -13.00
C HIS A 136 39.66 -15.35 -13.74
N GLN A 137 38.75 -16.13 -13.15
CA GLN A 137 37.44 -16.52 -13.73
C GLN A 137 36.64 -15.28 -14.12
N LEU A 138 36.64 -14.25 -13.25
CA LEU A 138 35.98 -12.94 -13.50
C LEU A 138 36.59 -12.29 -14.75
N GLN A 139 37.93 -12.20 -14.79
CA GLN A 139 38.70 -11.62 -15.92
C GLN A 139 38.40 -12.40 -17.20
N ASN A 140 38.36 -13.73 -17.11
CA ASN A 140 38.11 -14.65 -18.25
C ASN A 140 36.74 -14.34 -18.87
N VAL A 141 35.69 -14.34 -18.04
CA VAL A 141 34.27 -14.10 -18.48
C VAL A 141 34.18 -12.72 -19.15
N ILE A 142 34.71 -11.69 -18.50
CA ILE A 142 34.76 -10.29 -19.02
C ILE A 142 35.44 -10.27 -20.40
N GLN A 143 36.49 -11.07 -20.57
CA GLN A 143 37.27 -11.17 -21.84
C GLN A 143 36.45 -11.94 -22.88
N GLU A 144 35.78 -13.02 -22.47
CA GLU A 144 34.93 -13.88 -23.34
C GLU A 144 33.72 -13.09 -23.86
N LEU A 145 33.24 -12.10 -23.09
CA LEU A 145 32.08 -11.24 -23.45
C LEU A 145 32.54 -10.00 -24.22
N ASN A 146 33.86 -9.75 -24.26
CA ASN A 146 34.49 -8.60 -24.95
C ASN A 146 33.99 -7.30 -24.31
N LEU A 147 34.03 -7.21 -22.98
CA LEU A 147 33.52 -6.06 -22.19
C LEU A 147 34.65 -5.05 -21.99
N GLU A 148 34.36 -3.77 -22.24
CA GLU A 148 35.34 -2.64 -22.17
C GLU A 148 35.55 -2.28 -20.69
N ILE A 149 36.46 -3.00 -20.02
CA ILE A 149 36.85 -2.76 -18.60
C ILE A 149 37.70 -1.48 -18.52
N VAL A 150 37.44 -0.64 -17.52
CA VAL A 150 38.20 0.62 -17.27
C VAL A 150 39.53 0.24 -16.64
N PRO A 151 40.68 0.60 -17.27
CA PRO A 151 42.00 0.23 -16.74
C PRO A 151 42.36 1.03 -15.49
N PRO A 152 43.41 0.64 -14.76
CA PRO A 152 43.77 1.31 -13.51
C PRO A 152 44.19 2.76 -13.71
N PRO A 153 44.26 3.57 -12.62
CA PRO A 153 44.73 4.95 -12.72
C PRO A 153 46.27 5.03 -12.83
N GLU A 154 46.77 6.10 -13.46
CA GLU A 154 48.23 6.35 -13.66
C GLU A 154 48.87 6.59 -12.29
N ASP A 155 48.20 7.34 -11.42
CA ASP A 155 48.61 7.61 -10.01
C ASP A 155 47.37 7.61 -9.12
N PRO A 156 47.51 7.38 -7.79
CA PRO A 156 46.42 7.64 -6.85
C PRO A 156 46.03 9.14 -6.84
N PHE A 157 45.05 9.51 -6.00
CA PHE A 157 44.51 10.88 -5.83
C PHE A 157 43.48 11.19 -6.93
N LEU A 158 43.72 10.73 -8.15
CA LEU A 158 42.77 10.80 -9.30
C LEU A 158 42.18 9.41 -9.54
N PRO A 159 41.08 9.04 -8.84
CA PRO A 159 40.43 7.74 -9.05
C PRO A 159 39.50 7.76 -10.27
N VAL A 160 39.32 6.60 -10.91
CA VAL A 160 38.50 6.43 -12.15
C VAL A 160 37.21 5.68 -11.80
N VAL A 161 36.07 6.11 -12.38
CA VAL A 161 34.76 5.43 -12.23
C VAL A 161 34.79 4.13 -13.05
N LEU A 162 34.42 3.00 -12.45
CA LEU A 162 34.40 1.65 -13.07
C LEU A 162 33.09 1.42 -13.81
N ASN A 163 32.09 2.28 -13.58
CA ASN A 163 30.69 2.12 -14.05
C ASN A 163 30.66 2.22 -15.58
N LEU A 164 30.17 1.16 -16.24
CA LEU A 164 29.97 1.10 -17.71
C LEU A 164 28.53 1.51 -18.03
N GLY A 165 28.35 2.63 -18.74
CA GLY A 165 27.04 3.16 -19.16
C GLY A 165 26.27 2.13 -20.00
N LYS A 166 26.96 1.47 -20.93
CA LYS A 166 26.42 0.43 -21.85
C LYS A 166 25.30 1.03 -22.69
N PRO A 172 15.48 3.05 -30.39
CA PRO A 172 14.27 3.53 -29.72
C PRO A 172 13.04 3.58 -30.65
N SER A 173 11.87 3.87 -30.09
CA SER A 173 10.56 3.94 -30.79
C SER A 173 10.20 5.40 -31.10
N GLN A 174 9.31 5.60 -32.08
CA GLN A 174 8.83 6.93 -32.53
C GLN A 174 7.89 7.52 -31.47
N ARG A 175 7.96 8.85 -31.25
CA ARG A 175 7.20 9.56 -30.20
C ARG A 175 5.73 9.68 -30.62
N GLN A 176 4.81 9.08 -29.84
CA GLN A 176 3.34 9.09 -30.05
C GLN A 176 3.01 9.26 -31.54
N ILE A 179 -1.05 12.80 -27.29
CA ILE A 179 -2.23 12.74 -26.37
C ILE A 179 -3.22 11.69 -26.90
N GLY A 180 -3.92 10.99 -26.00
CA GLY A 180 -4.91 9.94 -26.32
C GLY A 180 -5.96 9.81 -25.24
N VAL A 181 -7.22 9.57 -25.64
CA VAL A 181 -8.39 9.40 -24.72
C VAL A 181 -8.72 7.90 -24.64
N VAL A 182 -8.93 7.40 -23.42
CA VAL A 182 -9.28 5.97 -23.16
C VAL A 182 -10.67 5.72 -23.77
N PRO A 183 -10.82 4.73 -24.68
CA PRO A 183 -12.09 4.53 -25.38
C PRO A 183 -13.19 4.00 -24.46
N TRP A 184 -14.45 4.22 -24.85
CA TRP A 184 -15.66 3.84 -24.06
C TRP A 184 -16.75 3.27 -24.98
N SER A 185 -17.51 2.28 -24.48
CA SER A 185 -18.74 1.71 -25.10
C SER A 185 -19.70 1.29 -24.00
N PRO A 186 -21.03 1.43 -24.21
CA PRO A 186 -22.02 1.10 -23.19
C PRO A 186 -22.21 -0.41 -23.00
N PRO A 187 -22.98 -0.85 -21.98
CA PRO A 187 -23.22 -2.28 -21.73
C PRO A 187 -23.81 -3.02 -22.94
N GLN A 188 -23.41 -4.29 -23.10
CA GLN A 188 -23.89 -5.21 -24.17
C GLN A 188 -24.21 -6.58 -23.54
N SER A 189 -25.27 -7.21 -24.02
CA SER A 189 -25.90 -8.43 -23.42
C SER A 189 -24.99 -9.66 -23.54
N ASN A 190 -24.15 -9.72 -24.59
CA ASN A 190 -23.29 -10.90 -24.89
C ASN A 190 -21.84 -10.60 -24.48
N TRP A 191 -21.62 -9.56 -23.66
CA TRP A 191 -20.29 -9.09 -23.21
C TRP A 191 -20.24 -9.09 -21.68
N ASN A 192 -19.15 -9.61 -21.11
CA ASN A 192 -18.84 -9.57 -19.65
C ASN A 192 -17.83 -8.45 -19.41
N PRO A 193 -18.24 -7.30 -18.85
CA PRO A 193 -17.35 -6.15 -18.70
C PRO A 193 -16.23 -6.35 -17.67
N TRP A 194 -16.44 -7.27 -16.72
CA TRP A 194 -15.52 -7.55 -15.59
C TRP A 194 -14.37 -8.44 -16.06
N THR A 195 -14.66 -9.46 -16.87
CA THR A 195 -13.65 -10.41 -17.43
C THR A 195 -13.14 -9.88 -18.78
N SER A 196 -13.76 -8.82 -19.33
CA SER A 196 -13.37 -8.16 -20.60
C SER A 196 -13.31 -9.17 -21.73
N SER A 197 -14.29 -10.08 -21.78
CA SER A 197 -14.38 -11.20 -22.76
C SER A 197 -15.82 -11.38 -23.23
N ASN A 198 -16.00 -12.07 -24.37
CA ASN A 198 -17.32 -12.43 -24.95
C ASN A 198 -17.93 -13.57 -24.12
N ILE A 199 -19.27 -13.63 -24.10
CA ILE A 199 -20.06 -14.77 -23.54
C ILE A 199 -20.52 -15.63 -24.71
N ASP A 200 -19.81 -16.73 -24.99
CA ASP A 200 -20.06 -17.63 -26.15
C ASP A 200 -20.51 -19.01 -25.65
N GLU A 201 -21.03 -19.07 -24.41
CA GLU A 201 -21.57 -20.30 -23.76
C GLU A 201 -22.67 -19.89 -22.79
N GLY A 202 -23.56 -20.84 -22.43
CA GLY A 202 -24.68 -20.61 -21.50
C GLY A 202 -25.84 -19.89 -22.17
N PRO A 203 -26.92 -19.58 -21.41
CA PRO A 203 -28.13 -18.99 -21.99
C PRO A 203 -27.98 -17.52 -22.41
N LEU A 204 -27.06 -16.78 -21.78
CA LEU A 204 -26.89 -15.32 -21.94
C LEU A 204 -26.05 -14.99 -23.19
N ALA A 205 -25.58 -16.01 -23.91
CA ALA A 205 -24.76 -15.88 -25.14
C ALA A 205 -25.60 -15.32 -26.29
N TYR A 206 -26.86 -15.77 -26.41
CA TYR A 206 -27.81 -15.44 -27.50
C TYR A 206 -28.95 -14.55 -26.99
N ALA A 207 -29.39 -14.77 -25.75
CA ALA A 207 -30.56 -14.10 -25.12
C ALA A 207 -30.51 -12.59 -25.36
N THR A 208 -31.66 -11.98 -25.63
CA THR A 208 -31.82 -10.53 -25.95
C THR A 208 -31.84 -9.73 -24.64
N PRO A 209 -31.54 -8.41 -24.67
CA PRO A 209 -31.62 -7.56 -23.48
C PRO A 209 -32.99 -7.59 -22.78
N GLU A 210 -34.07 -7.66 -23.56
CA GLU A 210 -35.48 -7.61 -23.07
C GLU A 210 -35.75 -8.80 -22.14
N GLN A 211 -35.30 -10.00 -22.53
CA GLN A 211 -35.45 -11.24 -21.73
C GLN A 211 -34.71 -11.08 -20.40
N ILE A 212 -33.42 -10.70 -20.47
CA ILE A 212 -32.52 -10.54 -19.30
C ILE A 212 -33.13 -9.50 -18.34
N SER A 213 -33.63 -8.39 -18.88
CA SER A 213 -34.23 -7.27 -18.11
C SER A 213 -35.46 -7.75 -17.32
N MET A 214 -36.28 -8.60 -17.93
CA MET A 214 -37.53 -9.15 -17.31
C MET A 214 -37.16 -10.24 -16.31
N ASP A 215 -36.25 -11.14 -16.68
CA ASP A 215 -35.74 -12.25 -15.83
C ASP A 215 -35.18 -11.69 -14.51
N LEU A 216 -34.40 -10.60 -14.59
CA LEU A 216 -33.74 -9.95 -13.41
C LEU A 216 -34.78 -9.19 -12.58
N LYS A 217 -35.77 -8.57 -13.24
CA LYS A 217 -36.86 -7.81 -12.57
C LYS A 217 -37.73 -8.77 -11.75
N ASN A 218 -38.26 -9.82 -12.41
CA ASN A 218 -39.18 -10.82 -11.81
C ASN A 218 -38.52 -11.47 -10.58
N GLU A 219 -37.22 -11.77 -10.70
CA GLU A 219 -36.37 -12.37 -9.63
C GLU A 219 -36.35 -11.45 -8.40
N LEU A 220 -36.21 -10.14 -8.61
CA LEU A 220 -36.09 -9.12 -7.53
C LEU A 220 -37.47 -8.86 -6.90
N MET A 221 -38.52 -8.77 -7.73
CA MET A 221 -39.93 -8.57 -7.27
C MET A 221 -40.33 -9.73 -6.36
N TYR A 222 -39.95 -10.96 -6.73
CA TYR A 222 -40.29 -12.22 -5.98
C TYR A 222 -39.49 -12.27 -4.67
N GLN A 223 -38.25 -11.78 -4.67
CA GLN A 223 -37.34 -11.78 -3.49
C GLN A 223 -37.93 -10.86 -2.41
N LEU A 224 -38.27 -9.62 -2.79
CA LEU A 224 -38.89 -8.58 -1.91
C LEU A 224 -40.26 -9.09 -1.40
N GLU A 225 -41.00 -9.80 -2.25
CA GLU A 225 -42.34 -10.38 -1.97
C GLU A 225 -42.23 -11.40 -0.82
N GLN A 226 -41.18 -12.24 -0.83
CA GLN A 226 -41.02 -13.41 0.08
C GLN A 226 -40.22 -13.01 1.33
N ASP A 227 -38.92 -12.74 1.17
CA ASP A 227 -37.93 -12.57 2.28
C ASP A 227 -38.40 -11.44 3.21
N HIS A 228 -38.77 -11.77 4.45
CA HIS A 228 -39.24 -10.80 5.49
C HIS A 228 -38.04 -10.11 6.14
N ASP A 229 -36.88 -10.78 6.19
CA ASP A 229 -35.61 -10.19 6.70
C ASP A 229 -35.10 -9.12 5.72
N LEU A 230 -35.35 -9.31 4.41
CA LEU A 230 -34.97 -8.36 3.34
C LEU A 230 -35.89 -7.14 3.40
N GLN A 231 -37.19 -7.35 3.61
CA GLN A 231 -38.21 -6.28 3.77
C GLN A 231 -37.81 -5.34 4.91
N ALA A 232 -37.32 -5.90 6.02
CA ALA A 232 -36.89 -5.16 7.24
C ALA A 232 -35.64 -4.31 6.93
N ILE A 233 -34.71 -4.85 6.14
CA ILE A 233 -33.46 -4.17 5.70
C ILE A 233 -33.82 -2.99 4.77
N LEU A 234 -34.71 -3.22 3.80
CA LEU A 234 -35.23 -2.16 2.89
C LEU A 234 -35.88 -1.03 3.71
N GLN A 235 -36.56 -1.39 4.80
CA GLN A 235 -37.24 -0.41 5.71
C GLN A 235 -36.19 0.45 6.43
N GLU A 236 -35.01 -0.11 6.69
CA GLU A 236 -33.85 0.65 7.26
C GLU A 236 -33.23 1.54 6.17
N ARG A 237 -33.14 1.03 4.94
CA ARG A 237 -32.57 1.75 3.77
C ARG A 237 -33.39 3.02 3.48
N GLU A 238 -34.71 2.95 3.67
CA GLU A 238 -35.67 4.02 3.28
C GLU A 238 -35.69 5.12 4.35
N LEU A 239 -34.96 4.97 5.46
CA LEU A 239 -34.86 5.97 6.55
C LEU A 239 -33.55 6.77 6.45
N LEU A 240 -32.66 6.41 5.52
CA LEU A 240 -31.33 7.06 5.36
C LEU A 240 -31.51 8.42 4.69
N PRO A 241 -30.90 9.50 5.22
CA PRO A 241 -31.04 10.86 4.68
C PRO A 241 -31.08 10.98 3.15
N VAL A 242 -30.25 10.21 2.43
CA VAL A 242 -30.11 10.27 0.96
C VAL A 242 -31.43 9.87 0.27
N LYS A 243 -32.27 9.07 0.93
CA LYS A 243 -33.49 8.45 0.35
C LYS A 243 -34.39 9.51 -0.31
N LYS A 244 -34.64 10.62 0.39
CA LYS A 244 -35.60 11.67 -0.04
C LYS A 244 -35.05 12.44 -1.27
N PHE A 245 -33.77 12.25 -1.61
CA PHE A 245 -33.10 12.90 -2.78
C PHE A 245 -33.00 11.93 -3.97
N GLU A 246 -33.54 10.72 -3.83
CA GLU A 246 -33.49 9.65 -4.87
C GLU A 246 -33.99 10.20 -6.21
N SER A 247 -35.15 10.85 -6.22
CA SER A 247 -35.81 11.41 -7.43
C SER A 247 -34.87 12.39 -8.14
N GLU A 248 -34.29 13.34 -7.40
CA GLU A 248 -33.42 14.43 -7.92
C GLU A 248 -32.11 13.83 -8.46
N ILE A 249 -31.47 12.95 -7.70
CA ILE A 249 -30.17 12.31 -8.04
C ILE A 249 -30.31 11.58 -9.38
N LEU A 250 -31.30 10.69 -9.50
CA LEU A 250 -31.59 9.89 -10.73
C LEU A 250 -31.89 10.85 -11.89
N GLU A 251 -32.68 11.90 -11.63
CA GLU A 251 -33.08 12.94 -12.61
C GLU A 251 -31.82 13.66 -13.12
N ALA A 252 -30.91 14.03 -12.22
CA ALA A 252 -29.64 14.74 -12.52
C ALA A 252 -28.73 13.86 -13.39
N ILE A 253 -28.52 12.61 -12.99
CA ILE A 253 -27.60 11.64 -13.67
C ILE A 253 -28.06 11.45 -15.13
N SER A 254 -29.38 11.29 -15.34
CA SER A 254 -29.98 11.00 -16.67
C SER A 254 -29.75 12.17 -17.63
N GLN A 255 -29.77 13.41 -17.12
CA GLN A 255 -29.72 14.66 -17.92
C GLN A 255 -28.27 15.04 -18.27
N ASN A 256 -27.34 14.92 -17.31
CA ASN A 256 -25.96 15.44 -17.43
C ASN A 256 -24.94 14.29 -17.48
N SER A 257 -23.88 14.45 -18.30
CA SER A 257 -22.75 13.50 -18.45
C SER A 257 -22.05 13.29 -17.11
N VAL A 258 -21.86 14.37 -16.34
CA VAL A 258 -21.17 14.37 -15.02
C VAL A 258 -22.05 15.10 -14.01
N ILE A 259 -22.08 14.63 -12.76
CA ILE A 259 -22.67 15.36 -11.60
C ILE A 259 -21.76 15.17 -10.38
N ILE A 260 -21.98 15.99 -9.35
CA ILE A 260 -21.35 15.86 -8.00
C ILE A 260 -22.49 15.66 -7.00
N ILE A 261 -22.41 14.61 -6.17
CA ILE A 261 -23.33 14.39 -5.02
C ILE A 261 -22.55 14.77 -3.75
N ARG A 262 -22.62 16.05 -3.38
CA ARG A 262 -22.10 16.60 -2.11
C ARG A 262 -23.10 16.26 -1.01
N GLY A 263 -22.63 16.03 0.23
CA GLY A 263 -23.48 15.73 1.39
C GLY A 263 -22.70 15.16 2.55
N ALA A 264 -23.15 15.44 3.78
CA ALA A 264 -22.52 15.02 5.06
C ALA A 264 -22.28 13.50 5.04
N THR A 265 -21.26 13.05 5.80
CA THR A 265 -20.89 11.62 5.96
C THR A 265 -21.93 10.94 6.85
N GLY A 266 -22.63 9.93 6.30
CA GLY A 266 -23.65 9.12 7.01
C GLY A 266 -25.02 9.20 6.36
N CYS A 267 -25.15 9.89 5.22
CA CYS A 267 -26.43 10.11 4.49
C CYS A 267 -26.77 8.89 3.63
N GLY A 268 -25.74 8.17 3.16
CA GLY A 268 -25.89 6.94 2.35
C GLY A 268 -25.43 7.12 0.92
N LYS A 269 -24.48 8.02 0.66
CA LYS A 269 -23.93 8.30 -0.69
C LYS A 269 -23.32 7.00 -1.25
N THR A 270 -22.44 6.36 -0.50
CA THR A 270 -21.61 5.19 -0.91
C THR A 270 -22.50 3.97 -1.18
N THR A 271 -23.37 3.63 -0.22
CA THR A 271 -24.10 2.34 -0.16
C THR A 271 -25.41 2.39 -0.95
N GLN A 272 -26.05 3.56 -1.08
CA GLN A 272 -27.42 3.69 -1.64
C GLN A 272 -27.39 4.15 -3.10
N VAL A 273 -26.53 5.11 -3.46
CA VAL A 273 -26.56 5.78 -4.81
C VAL A 273 -26.39 4.75 -5.91
N PRO A 274 -25.42 3.80 -5.82
CA PRO A 274 -25.26 2.78 -6.85
C PRO A 274 -26.51 1.90 -6.99
N GLN A 275 -27.16 1.57 -5.86
CA GLN A 275 -28.39 0.74 -5.79
C GLN A 275 -29.54 1.50 -6.47
N PHE A 276 -29.78 2.75 -6.08
CA PHE A 276 -30.81 3.65 -6.68
C PHE A 276 -30.70 3.58 -8.21
N ILE A 277 -29.48 3.80 -8.74
CA ILE A 277 -29.18 3.82 -10.21
C ILE A 277 -29.53 2.45 -10.81
N LEU A 278 -29.09 1.36 -10.17
CA LEU A 278 -29.27 -0.04 -10.67
C LEU A 278 -30.76 -0.40 -10.67
N ASP A 279 -31.42 -0.21 -9.52
CA ASP A 279 -32.88 -0.49 -9.32
C ASP A 279 -33.69 0.29 -10.35
N ASP A 280 -33.32 1.54 -10.65
CA ASP A 280 -34.02 2.43 -11.61
C ASP A 280 -34.01 1.81 -13.00
N PHE A 281 -32.94 1.08 -13.35
CA PHE A 281 -32.79 0.38 -14.66
C PHE A 281 -33.53 -0.96 -14.62
N ILE A 282 -33.47 -1.67 -13.49
CA ILE A 282 -34.19 -2.96 -13.25
C ILE A 282 -35.69 -2.71 -13.32
N GLN A 283 -36.20 -1.82 -12.46
CA GLN A 283 -37.65 -1.50 -12.27
C GLN A 283 -38.26 -0.99 -13.58
N ASN A 284 -37.49 -0.26 -14.39
CA ASN A 284 -37.96 0.36 -15.67
C ASN A 284 -37.57 -0.53 -16.86
N ASP A 285 -37.34 -1.82 -16.63
CA ASP A 285 -37.26 -2.88 -17.67
C ASP A 285 -36.03 -2.67 -18.57
N ARG A 286 -34.90 -2.23 -18.01
CA ARG A 286 -33.65 -1.93 -18.75
C ARG A 286 -32.44 -2.39 -17.93
N ALA A 287 -32.58 -3.49 -17.18
CA ALA A 287 -31.53 -4.06 -16.29
C ALA A 287 -30.26 -4.38 -17.10
N ALA A 288 -30.42 -4.83 -18.34
CA ALA A 288 -29.33 -5.24 -19.25
C ALA A 288 -28.45 -4.04 -19.66
N GLU A 289 -28.99 -2.82 -19.56
CA GLU A 289 -28.31 -1.57 -20.00
C GLU A 289 -27.56 -0.91 -18.82
N CYS A 290 -27.42 -1.61 -17.70
CA CYS A 290 -26.78 -1.08 -16.45
C CYS A 290 -25.57 -1.94 -16.06
N ASN A 291 -24.39 -1.31 -15.96
CA ASN A 291 -23.14 -1.88 -15.40
C ASN A 291 -22.36 -0.75 -14.72
N ILE A 292 -22.34 -0.72 -13.39
CA ILE A 292 -21.75 0.38 -12.58
C ILE A 292 -20.36 -0.03 -12.07
N VAL A 293 -19.36 0.83 -12.28
CA VAL A 293 -18.02 0.78 -11.62
C VAL A 293 -18.04 1.81 -10.48
N VAL A 294 -17.65 1.40 -9.27
CA VAL A 294 -17.54 2.29 -8.07
C VAL A 294 -16.10 2.20 -7.55
N THR A 295 -15.37 3.31 -7.57
CA THR A 295 -13.95 3.40 -7.14
C THR A 295 -13.92 3.88 -5.68
N GLN A 296 -13.16 3.19 -4.83
CA GLN A 296 -12.92 3.57 -3.41
C GLN A 296 -11.41 3.80 -3.22
N PRO A 297 -11.00 4.87 -2.51
CA PRO A 297 -9.57 5.14 -2.27
C PRO A 297 -8.82 4.00 -1.54
N ARG A 298 -9.45 3.39 -0.53
CA ARG A 298 -8.82 2.37 0.35
C ARG A 298 -9.22 0.96 -0.12
N ARG A 299 -8.38 -0.03 0.18
CA ARG A 299 -8.64 -1.48 -0.06
C ARG A 299 -9.86 -1.90 0.78
N ILE A 300 -9.83 -1.64 2.08
CA ILE A 300 -10.84 -2.06 3.08
C ILE A 300 -12.24 -1.57 2.66
N SER A 301 -12.34 -0.36 2.12
CA SER A 301 -13.62 0.27 1.71
C SER A 301 -14.24 -0.48 0.53
N ALA A 302 -13.45 -0.76 -0.51
CA ALA A 302 -13.86 -1.48 -1.74
C ALA A 302 -14.49 -2.83 -1.37
N VAL A 303 -13.88 -3.56 -0.43
CA VAL A 303 -14.29 -4.94 -0.03
C VAL A 303 -15.49 -4.85 0.93
N SER A 304 -15.43 -3.96 1.92
CA SER A 304 -16.46 -3.79 2.98
C SER A 304 -17.78 -3.30 2.39
N VAL A 305 -17.73 -2.29 1.52
CA VAL A 305 -18.91 -1.66 0.86
C VAL A 305 -19.59 -2.71 -0.02
N ALA A 306 -18.81 -3.51 -0.75
CA ALA A 306 -19.32 -4.63 -1.60
C ALA A 306 -20.09 -5.62 -0.72
N GLU A 307 -19.52 -5.99 0.43
CA GLU A 307 -20.13 -6.93 1.41
C GLU A 307 -21.38 -6.30 2.03
N ARG A 308 -21.37 -4.98 2.21
CA ARG A 308 -22.48 -4.22 2.86
C ARG A 308 -23.65 -4.10 1.88
N VAL A 309 -23.39 -3.72 0.63
CA VAL A 309 -24.45 -3.51 -0.41
C VAL A 309 -25.06 -4.87 -0.78
N ALA A 310 -24.23 -5.93 -0.80
CA ALA A 310 -24.67 -7.32 -1.07
C ALA A 310 -25.71 -7.75 -0.02
N TYR A 311 -25.37 -7.59 1.26
CA TYR A 311 -26.26 -7.86 2.43
C TYR A 311 -27.57 -7.08 2.29
N GLU A 312 -27.49 -5.82 1.84
CA GLU A 312 -28.64 -4.89 1.67
C GLU A 312 -29.54 -5.37 0.51
N ARG A 313 -29.03 -6.23 -0.37
CA ARG A 313 -29.81 -6.86 -1.48
C ARG A 313 -30.04 -8.34 -1.18
N GLY A 314 -29.81 -8.77 0.07
CA GLY A 314 -30.00 -10.16 0.55
C GLY A 314 -29.15 -11.14 -0.22
N GLU A 315 -27.90 -10.78 -0.52
CA GLU A 315 -26.94 -11.60 -1.33
C GLU A 315 -25.60 -11.69 -0.59
N GLU A 316 -24.70 -12.52 -1.13
CA GLU A 316 -23.23 -12.45 -0.88
C GLU A 316 -22.60 -11.80 -2.11
N PRO A 317 -21.38 -11.23 -2.02
CA PRO A 317 -20.69 -10.73 -3.21
C PRO A 317 -20.48 -11.87 -4.22
N GLY A 318 -20.71 -11.60 -5.50
CA GLY A 318 -20.66 -12.59 -6.60
C GLY A 318 -21.95 -12.61 -7.42
N LYS A 319 -22.96 -11.84 -7.02
CA LYS A 319 -24.28 -11.79 -7.69
C LYS A 319 -24.43 -10.40 -8.35
N SER A 320 -25.22 -9.49 -7.77
CA SER A 320 -25.42 -8.10 -8.27
C SER A 320 -24.21 -7.24 -7.89
N CYS A 321 -23.57 -7.55 -6.77
CA CYS A 321 -22.40 -6.83 -6.21
C CYS A 321 -21.15 -7.71 -6.27
N GLY A 322 -20.00 -7.08 -6.48
CA GLY A 322 -18.66 -7.72 -6.47
C GLY A 322 -17.59 -6.69 -6.21
N TYR A 323 -16.40 -7.12 -5.78
CA TYR A 323 -15.23 -6.24 -5.53
C TYR A 323 -14.01 -6.79 -6.28
N SER A 324 -13.09 -5.90 -6.63
CA SER A 324 -11.78 -6.22 -7.27
C SER A 324 -10.71 -5.27 -6.71
N VAL A 325 -10.13 -5.62 -5.56
CA VAL A 325 -8.94 -4.94 -4.97
C VAL A 325 -7.69 -5.66 -5.50
N ARG A 326 -6.51 -5.30 -4.99
CA ARG A 326 -5.22 -5.88 -5.44
C ARG A 326 -5.06 -7.28 -4.84
N PHE A 327 -4.80 -8.27 -5.69
CA PHE A 327 -4.52 -9.69 -5.34
C PHE A 327 -5.72 -10.33 -4.64
N GLU A 328 -6.94 -9.86 -4.94
CA GLU A 328 -8.22 -10.43 -4.42
C GLU A 328 -9.40 -9.79 -5.15
N SER A 329 -10.27 -10.61 -5.75
CA SER A 329 -11.48 -10.18 -6.47
C SER A 329 -12.57 -11.26 -6.37
N VAL A 330 -13.82 -10.83 -6.16
CA VAL A 330 -15.05 -11.67 -6.33
C VAL A 330 -15.91 -11.01 -7.42
N LEU A 331 -15.79 -11.48 -8.66
CA LEU A 331 -16.45 -10.87 -9.85
C LEU A 331 -17.96 -10.97 -9.69
N PRO A 332 -18.72 -9.88 -9.95
CA PRO A 332 -20.18 -9.95 -10.00
C PRO A 332 -20.64 -10.51 -11.36
N ARG A 333 -21.95 -10.74 -11.50
CA ARG A 333 -22.59 -11.29 -12.73
C ARG A 333 -22.41 -10.29 -13.87
N PRO A 334 -22.44 -10.75 -15.15
CA PRO A 334 -22.18 -9.85 -16.29
C PRO A 334 -23.19 -8.73 -16.54
N HIS A 335 -24.42 -8.82 -15.99
CA HIS A 335 -25.55 -7.89 -16.26
C HIS A 335 -26.11 -7.33 -14.95
N ALA A 336 -26.54 -6.06 -14.98
CA ALA A 336 -27.22 -5.36 -13.86
C ALA A 336 -26.39 -5.50 -12.58
N SER A 337 -25.09 -5.17 -12.67
CA SER A 337 -24.07 -5.47 -11.62
C SER A 337 -23.33 -4.19 -11.21
N ILE A 338 -22.79 -4.19 -9.99
CA ILE A 338 -21.94 -3.10 -9.41
C ILE A 338 -20.57 -3.71 -9.04
N MET A 339 -19.48 -3.13 -9.54
CA MET A 339 -18.09 -3.52 -9.20
C MET A 339 -17.49 -2.45 -8.28
N PHE A 340 -17.26 -2.79 -7.00
CA PHE A 340 -16.56 -1.94 -6.01
C PHE A 340 -15.07 -2.30 -6.00
N CYS A 341 -14.28 -1.63 -6.86
CA CYS A 341 -12.82 -1.84 -7.01
C CYS A 341 -12.04 -0.64 -6.45
N THR A 342 -10.72 -0.76 -6.38
CA THR A 342 -9.76 0.36 -6.12
C THR A 342 -9.31 0.94 -7.45
N VAL A 343 -8.91 2.22 -7.45
CA VAL A 343 -8.57 2.98 -8.69
C VAL A 343 -7.36 2.31 -9.37
N GLY A 344 -6.37 1.88 -8.58
CA GLY A 344 -5.17 1.17 -9.06
C GLY A 344 -5.53 -0.03 -9.94
N VAL A 345 -6.55 -0.80 -9.53
CA VAL A 345 -7.05 -2.01 -10.25
C VAL A 345 -7.72 -1.56 -11.55
N LEU A 346 -8.63 -0.58 -11.47
CA LEU A 346 -9.39 -0.04 -12.63
C LEU A 346 -8.40 0.40 -13.72
N LEU A 347 -7.43 1.23 -13.37
CA LEU A 347 -6.39 1.78 -14.30
C LEU A 347 -5.64 0.62 -14.99
N ARG A 348 -5.35 -0.45 -14.25
CA ARG A 348 -4.61 -1.65 -14.78
C ARG A 348 -5.51 -2.44 -15.74
N LYS A 349 -6.83 -2.23 -15.69
CA LYS A 349 -7.83 -2.93 -16.54
C LYS A 349 -8.32 -2.04 -17.69
N LEU A 350 -7.89 -0.76 -17.74
CA LEU A 350 -8.30 0.22 -18.78
C LEU A 350 -7.49 0.01 -20.08
N GLU A 351 -6.46 -0.86 -20.05
CA GLU A 351 -5.58 -1.16 -21.21
C GLU A 351 -6.43 -1.46 -22.46
N ALA A 352 -7.57 -2.12 -22.27
CA ALA A 352 -8.58 -2.41 -23.31
C ALA A 352 -9.52 -1.21 -23.47
N GLY A 353 -9.94 -0.62 -22.35
CA GLY A 353 -10.82 0.57 -22.28
C GLY A 353 -11.98 0.35 -21.31
N ILE A 354 -12.83 1.36 -21.14
CA ILE A 354 -14.09 1.27 -20.34
C ILE A 354 -15.17 0.72 -21.27
N ARG A 355 -15.14 -0.59 -21.54
CA ARG A 355 -16.06 -1.29 -22.47
C ARG A 355 -17.13 -2.04 -21.67
N GLY A 356 -18.40 -1.69 -21.89
CA GLY A 356 -19.57 -2.39 -21.31
C GLY A 356 -19.98 -1.84 -19.95
N ILE A 357 -19.72 -0.55 -19.71
CA ILE A 357 -20.01 0.15 -18.42
C ILE A 357 -20.89 1.37 -18.72
N SER A 358 -21.98 1.54 -17.95
CA SER A 358 -22.98 2.62 -18.13
C SER A 358 -22.66 3.81 -17.24
N HIS A 359 -22.23 3.55 -16.00
CA HIS A 359 -21.95 4.57 -14.94
C HIS A 359 -20.57 4.32 -14.33
N VAL A 360 -19.85 5.40 -14.01
CA VAL A 360 -18.58 5.37 -13.22
C VAL A 360 -18.78 6.26 -11.99
N ILE A 361 -18.82 5.68 -10.79
CA ILE A 361 -19.01 6.40 -9.51
C ILE A 361 -17.64 6.53 -8.83
N VAL A 362 -17.04 7.71 -8.89
CA VAL A 362 -15.77 8.04 -8.18
C VAL A 362 -16.16 8.56 -6.78
N ASP A 363 -15.88 7.77 -5.74
CA ASP A 363 -16.36 8.02 -4.36
C ASP A 363 -15.22 8.62 -3.53
N GLU A 364 -15.57 9.40 -2.50
CA GLU A 364 -14.64 9.95 -1.48
C GLU A 364 -13.57 10.81 -2.16
N ILE A 365 -13.97 11.64 -3.14
CA ILE A 365 -13.03 12.50 -3.94
C ILE A 365 -12.36 13.51 -3.03
N HIS A 366 -13.04 13.94 -1.95
CA HIS A 366 -12.57 14.96 -0.98
C HIS A 366 -11.30 14.50 -0.25
N GLU A 367 -11.09 13.18 -0.11
CA GLU A 367 -9.88 12.62 0.57
C GLU A 367 -8.63 12.95 -0.22
N ARG A 368 -8.75 13.15 -1.54
CA ARG A 368 -7.65 13.54 -2.47
C ARG A 368 -6.62 12.41 -2.52
N ASP A 369 -7.08 11.17 -2.69
CA ASP A 369 -6.22 9.99 -3.00
C ASP A 369 -5.57 10.25 -4.37
N ILE A 370 -4.25 10.04 -4.47
CA ILE A 370 -3.44 10.41 -5.68
C ILE A 370 -3.98 9.69 -6.92
N ASN A 371 -4.38 8.41 -6.78
CA ASN A 371 -4.89 7.58 -7.90
C ASN A 371 -6.26 8.11 -8.35
N THR A 372 -7.08 8.56 -7.40
CA THR A 372 -8.42 9.18 -7.68
C THR A 372 -8.21 10.45 -8.50
N ASP A 373 -7.41 11.40 -7.99
CA ASP A 373 -7.05 12.67 -8.69
C ASP A 373 -6.62 12.36 -10.13
N PHE A 374 -5.79 11.34 -10.33
CA PHE A 374 -5.26 10.88 -11.64
C PHE A 374 -6.41 10.38 -12.52
N LEU A 375 -7.33 9.60 -11.96
CA LEU A 375 -8.47 9.00 -12.70
C LEU A 375 -9.40 10.10 -13.21
N LEU A 376 -9.63 11.14 -12.42
CA LEU A 376 -10.50 12.30 -12.77
C LEU A 376 -9.96 12.95 -14.06
N VAL A 377 -8.64 12.96 -14.23
CA VAL A 377 -7.94 13.50 -15.44
C VAL A 377 -8.33 12.61 -16.64
N VAL A 378 -8.22 11.30 -16.47
CA VAL A 378 -8.58 10.28 -17.50
C VAL A 378 -10.07 10.45 -17.84
N LEU A 379 -10.93 10.43 -16.81
CA LEU A 379 -12.41 10.43 -16.95
C LEU A 379 -12.88 11.73 -17.64
N ARG A 380 -12.24 12.87 -17.37
CA ARG A 380 -12.64 14.17 -17.99
C ARG A 380 -12.45 14.08 -19.51
N ASP A 381 -11.33 13.51 -19.97
CA ASP A 381 -11.05 13.28 -21.40
C ASP A 381 -12.11 12.33 -21.97
N VAL A 382 -12.50 11.31 -21.21
CA VAL A 382 -13.51 10.27 -21.59
C VAL A 382 -14.87 10.94 -21.75
N VAL A 383 -15.29 11.77 -20.78
CA VAL A 383 -16.58 12.52 -20.79
C VAL A 383 -16.65 13.38 -22.05
N GLN A 384 -15.54 14.04 -22.40
CA GLN A 384 -15.47 15.03 -23.52
C GLN A 384 -15.68 14.31 -24.86
N ALA A 385 -15.01 13.18 -25.06
CA ALA A 385 -15.03 12.38 -26.32
C ALA A 385 -16.29 11.50 -26.38
N TYR A 386 -16.68 10.91 -25.24
CA TYR A 386 -17.80 9.94 -25.13
C TYR A 386 -18.83 10.44 -24.13
N PRO A 387 -19.63 11.49 -24.47
CA PRO A 387 -20.55 12.10 -23.51
C PRO A 387 -21.74 11.23 -23.08
N GLU A 388 -21.96 10.10 -23.75
CA GLU A 388 -23.07 9.15 -23.45
C GLU A 388 -22.79 8.44 -22.12
N VAL A 389 -21.50 8.26 -21.75
CA VAL A 389 -21.08 7.71 -20.43
C VAL A 389 -21.67 8.59 -19.34
N ARG A 390 -21.78 8.06 -18.12
CA ARG A 390 -22.25 8.81 -16.93
C ARG A 390 -21.19 8.70 -15.82
N ILE A 391 -20.72 9.84 -15.32
CA ILE A 391 -19.72 9.95 -14.23
C ILE A 391 -20.42 10.57 -13.02
N VAL A 392 -20.37 9.91 -11.87
CA VAL A 392 -20.94 10.44 -10.59
C VAL A 392 -19.80 10.59 -9.58
N LEU A 393 -19.42 11.82 -9.28
CA LEU A 393 -18.42 12.15 -8.22
C LEU A 393 -19.18 12.39 -6.93
N MET A 394 -18.78 11.74 -5.83
CA MET A 394 -19.47 11.82 -4.53
C MET A 394 -18.47 12.32 -3.47
N SER A 395 -18.87 13.32 -2.69
CA SER A 395 -18.00 14.12 -1.79
C SER A 395 -18.71 14.44 -0.48
N ALA A 396 -17.94 14.66 0.59
CA ALA A 396 -18.40 15.17 1.90
C ALA A 396 -18.66 16.68 1.77
N THR A 397 -19.10 17.32 2.86
CA THR A 397 -19.37 18.78 2.91
C THR A 397 -18.03 19.53 2.89
N ILE A 398 -17.49 19.72 1.70
CA ILE A 398 -16.26 20.54 1.42
C ILE A 398 -16.56 21.45 0.23
N ASP A 399 -15.65 22.38 -0.09
CA ASP A 399 -15.79 23.29 -1.25
C ASP A 399 -15.49 22.49 -2.53
N THR A 400 -16.54 21.99 -3.19
CA THR A 400 -16.47 21.10 -4.38
C THR A 400 -16.42 21.95 -5.66
N SER A 401 -16.27 23.28 -5.54
CA SER A 401 -16.19 24.23 -6.68
C SER A 401 -15.02 23.87 -7.60
N MET A 402 -13.90 23.43 -7.01
CA MET A 402 -12.67 23.01 -7.73
C MET A 402 -13.01 21.90 -8.74
N PHE A 403 -13.76 20.88 -8.30
CA PHE A 403 -14.14 19.68 -9.11
C PHE A 403 -15.24 20.06 -10.11
N CYS A 404 -16.18 20.92 -9.69
CA CYS A 404 -17.28 21.46 -10.52
C CYS A 404 -16.68 22.20 -11.73
N GLU A 405 -15.82 23.18 -11.48
CA GLU A 405 -15.10 23.98 -12.51
C GLU A 405 -14.35 23.04 -13.45
N TYR A 406 -13.75 21.98 -12.91
CA TYR A 406 -12.93 20.99 -13.66
C TYR A 406 -13.82 20.23 -14.66
N PHE A 407 -14.99 19.77 -14.21
CA PHE A 407 -15.95 18.95 -15.02
C PHE A 407 -17.03 19.86 -15.63
N PHE A 408 -16.62 21.01 -16.18
CA PHE A 408 -17.43 21.90 -17.04
C PHE A 408 -18.65 22.41 -16.26
N ASN A 409 -18.42 22.93 -15.06
CA ASN A 409 -19.46 23.47 -14.13
C ASN A 409 -20.67 22.53 -14.13
N CYS A 410 -20.45 21.26 -13.77
CA CYS A 410 -21.49 20.21 -13.65
C CYS A 410 -22.40 20.54 -12.47
N PRO A 411 -23.62 19.96 -12.40
CA PRO A 411 -24.49 20.16 -11.24
C PRO A 411 -23.88 19.63 -9.94
N ILE A 412 -24.26 20.21 -8.80
CA ILE A 412 -23.92 19.74 -7.43
C ILE A 412 -25.23 19.42 -6.69
N ILE A 413 -25.56 18.13 -6.57
CA ILE A 413 -26.79 17.65 -5.86
C ILE A 413 -26.46 17.62 -4.36
N GLU A 414 -27.14 18.46 -3.57
CA GLU A 414 -26.91 18.62 -2.11
C GLU A 414 -27.75 17.59 -1.36
N VAL A 415 -27.12 16.82 -0.46
CA VAL A 415 -27.76 15.76 0.38
C VAL A 415 -27.48 16.09 1.86
N TYR A 416 -28.48 15.89 2.72
CA TYR A 416 -28.44 16.27 4.16
C TYR A 416 -29.54 15.54 4.94
N GLY A 417 -29.37 15.45 6.26
CA GLY A 417 -30.34 14.88 7.21
C GLY A 417 -30.17 15.48 8.59
N ARG A 418 -30.75 14.86 9.61
CA ARG A 418 -30.71 15.35 11.02
C ARG A 418 -29.24 15.35 11.50
N THR A 419 -28.80 16.47 12.08
CA THR A 419 -27.54 16.61 12.85
C THR A 419 -27.83 17.40 14.12
N TYR A 420 -27.10 17.11 15.19
CA TYR A 420 -27.27 17.72 16.54
C TYR A 420 -26.08 18.63 16.82
N PRO A 421 -26.26 19.71 17.62
CA PRO A 421 -25.14 20.59 17.96
C PRO A 421 -24.16 19.89 18.90
N VAL A 422 -22.93 19.67 18.43
CA VAL A 422 -21.84 18.98 19.20
C VAL A 422 -21.02 20.05 19.94
N GLN A 423 -20.78 19.82 21.23
CA GLN A 423 -19.94 20.70 22.10
C GLN A 423 -18.47 20.40 21.80
N GLU A 424 -17.71 21.42 21.38
CA GLU A 424 -16.25 21.32 21.09
C GLU A 424 -15.47 21.60 22.38
N TYR A 425 -14.50 20.74 22.71
CA TYR A 425 -13.54 20.90 23.83
C TYR A 425 -12.11 20.70 23.31
N PHE A 426 -11.18 21.51 23.78
CA PHE A 426 -9.73 21.45 23.45
C PHE A 426 -8.94 21.07 24.71
N LEU A 427 -7.63 20.81 24.55
CA LEU A 427 -6.74 20.19 25.58
C LEU A 427 -6.91 20.87 26.94
N GLU A 428 -7.12 22.19 26.98
CA GLU A 428 -7.36 22.97 28.23
C GLU A 428 -8.66 22.50 28.90
N ASP A 429 -9.76 22.49 28.13
CA ASP A 429 -11.12 22.11 28.62
C ASP A 429 -11.09 20.69 29.19
N CYS A 430 -10.37 19.76 28.55
CA CYS A 430 -10.26 18.33 28.93
C CYS A 430 -9.50 18.18 30.25
N ILE A 431 -8.28 18.72 30.32
CA ILE A 431 -7.38 18.66 31.51
C ILE A 431 -8.09 19.25 32.73
N GLN A 432 -8.88 20.31 32.54
CA GLN A 432 -9.59 21.05 33.62
C GLN A 432 -10.80 20.24 34.11
N MET A 433 -11.59 19.67 33.19
CA MET A 433 -12.82 18.89 33.50
C MET A 433 -12.47 17.62 34.29
N THR A 434 -11.37 16.97 33.94
CA THR A 434 -10.93 15.66 34.52
C THR A 434 -10.01 15.88 35.72
N HIS A 435 -9.51 17.10 35.92
CA HIS A 435 -8.53 17.47 36.98
C HIS A 435 -7.25 16.62 36.80
N PHE A 436 -6.80 16.46 35.55
CA PHE A 436 -5.68 15.59 35.13
C PHE A 436 -4.35 16.22 35.57
N VAL A 437 -3.34 15.38 35.78
CA VAL A 437 -1.94 15.78 36.15
C VAL A 437 -0.97 14.85 35.42
N PRO A 438 -0.19 15.35 34.44
CA PRO A 438 0.76 14.52 33.71
C PRO A 438 1.89 13.95 34.57
N PRO A 439 2.57 12.86 34.13
CA PRO A 439 3.70 12.30 34.86
C PRO A 439 4.95 13.17 34.74
N PRO A 440 6.09 12.78 35.35
CA PRO A 440 7.37 13.46 35.12
C PRO A 440 7.53 14.06 33.71
N ALA A 458 7.09 25.54 17.57
CA ALA A 458 6.87 26.13 18.91
C ALA A 458 5.83 25.30 19.69
N ASN A 459 6.08 25.07 20.98
CA ASN A 459 5.20 24.29 21.89
C ASN A 459 3.99 25.14 22.27
N CYS A 460 2.80 24.77 21.78
CA CYS A 460 1.52 25.50 21.96
C CYS A 460 0.83 25.09 23.27
N ASN A 461 1.37 24.10 23.97
CA ASN A 461 0.90 23.67 25.31
C ASN A 461 1.35 24.70 26.36
N LEU A 462 2.39 25.47 26.06
CA LEU A 462 2.90 26.58 26.93
C LEU A 462 1.95 27.78 26.85
N ILE A 463 1.43 28.07 25.65
CA ILE A 463 0.44 29.17 25.40
C ILE A 463 -0.93 28.70 25.91
N CYS A 464 -1.57 29.48 26.79
CA CYS A 464 -2.89 29.18 27.41
C CYS A 464 -3.50 30.48 27.95
N GLY A 465 -4.78 30.73 27.64
CA GLY A 465 -5.53 31.94 28.04
C GLY A 465 -5.66 32.05 29.54
N ASP A 466 -5.92 33.27 30.05
CA ASP A 466 -6.05 33.60 31.50
C ASP A 466 -7.38 33.04 32.03
N GLU A 467 -8.36 32.82 31.15
CA GLU A 467 -9.72 32.32 31.50
C GLU A 467 -9.68 30.85 31.94
N TYR A 468 -8.47 30.28 32.11
CA TYR A 468 -8.24 28.90 32.62
C TYR A 468 -7.48 28.97 33.96
N GLY A 469 -7.38 27.83 34.65
CA GLY A 469 -6.75 27.72 35.98
C GLY A 469 -5.22 27.68 35.90
N PRO A 470 -4.50 28.10 36.97
CA PRO A 470 -3.04 28.00 37.02
C PRO A 470 -2.50 26.56 36.87
N GLU A 471 -3.15 25.58 37.49
CA GLU A 471 -2.73 24.15 37.47
C GLU A 471 -2.99 23.55 36.08
N THR A 472 -4.12 23.91 35.46
CA THR A 472 -4.48 23.52 34.06
C THR A 472 -3.36 23.96 33.12
N ARG A 473 -3.02 25.25 33.16
CA ARG A 473 -1.93 25.89 32.37
C ARG A 473 -0.59 25.21 32.70
N MET A 474 -0.33 24.98 34.00
CA MET A 474 0.92 24.35 34.51
C MET A 474 0.97 22.88 34.08
N SER A 475 -0.18 22.19 34.07
CA SER A 475 -0.33 20.76 33.69
C SER A 475 -0.06 20.61 32.20
N MET A 476 -0.85 21.29 31.36
CA MET A 476 -0.76 21.24 29.88
C MET A 476 0.71 21.41 29.46
N ALA A 477 1.38 22.41 30.02
CA ALA A 477 2.80 22.79 29.72
C ALA A 477 3.73 21.58 29.83
N GLN A 478 3.40 20.60 30.68
CA GLN A 478 4.24 19.39 30.94
C GLN A 478 4.07 18.36 29.82
N LEU A 479 3.01 18.47 29.01
CA LEU A 479 2.68 17.50 27.92
C LEU A 479 3.49 17.82 26.66
N ASN A 480 4.18 16.83 26.11
CA ASN A 480 4.85 16.87 24.79
C ASN A 480 3.79 16.77 23.69
N GLU A 481 3.79 17.69 22.72
CA GLU A 481 2.80 17.73 21.61
C GLU A 481 3.05 16.59 20.62
N LYS A 482 4.29 16.12 20.51
CA LYS A 482 4.73 15.09 19.52
C LYS A 482 4.20 13.71 19.94
N GLU A 483 3.73 13.56 21.18
CA GLU A 483 3.09 12.33 21.72
C GLU A 483 1.61 12.62 22.02
N THR A 484 0.78 11.57 21.99
CA THR A 484 -0.65 11.62 22.38
C THR A 484 -0.78 11.23 23.86
N PRO A 485 -1.47 12.05 24.69
CA PRO A 485 -1.62 11.75 26.12
C PRO A 485 -2.65 10.64 26.36
N PHE A 486 -2.17 9.39 26.49
CA PHE A 486 -2.99 8.16 26.67
C PHE A 486 -3.72 8.22 28.02
N GLU A 487 -3.03 8.72 29.06
CA GLU A 487 -3.55 8.82 30.45
C GLU A 487 -4.69 9.83 30.51
N LEU A 488 -4.66 10.85 29.65
CA LEU A 488 -5.74 11.87 29.53
C LEU A 488 -6.97 11.23 28.88
N ILE A 489 -6.78 10.38 27.87
CA ILE A 489 -7.87 9.66 27.15
C ILE A 489 -8.57 8.71 28.16
N GLU A 490 -7.79 8.04 29.00
CA GLU A 490 -8.28 7.17 30.11
C GLU A 490 -9.12 8.02 31.08
N ALA A 491 -8.65 9.24 31.40
CA ALA A 491 -9.34 10.20 32.29
C ALA A 491 -10.61 10.75 31.62
N LEU A 492 -10.60 10.89 30.29
CA LEU A 492 -11.76 11.39 29.49
C LEU A 492 -12.87 10.34 29.44
N LEU A 493 -12.50 9.06 29.37
CA LEU A 493 -13.45 7.92 29.36
C LEU A 493 -14.19 7.85 30.71
N LYS A 494 -13.46 8.06 31.82
CA LYS A 494 -14.02 8.03 33.20
C LYS A 494 -14.91 9.26 33.44
N TYR A 495 -14.66 10.38 32.75
CA TYR A 495 -15.50 11.61 32.82
C TYR A 495 -16.79 11.39 32.02
N ILE A 496 -16.70 10.66 30.90
CA ILE A 496 -17.85 10.37 29.99
C ILE A 496 -18.92 9.57 30.77
N GLU A 497 -18.49 8.73 31.72
CA GLU A 497 -19.37 7.93 32.61
C GLU A 497 -20.25 8.86 33.46
N THR A 498 -19.63 9.85 34.11
CA THR A 498 -20.27 10.73 35.14
C THR A 498 -21.41 11.55 34.53
N LEU A 499 -21.38 11.78 33.21
CA LEU A 499 -22.42 12.54 32.46
C LEU A 499 -23.75 11.78 32.45
N ASN A 500 -23.71 10.45 32.64
CA ASN A 500 -24.90 9.55 32.71
C ASN A 500 -25.76 9.76 31.45
N VAL A 501 -25.17 9.53 30.28
CA VAL A 501 -25.86 9.54 28.96
C VAL A 501 -25.29 8.40 28.12
N PRO A 502 -25.99 7.24 28.01
CA PRO A 502 -25.50 6.11 27.23
C PRO A 502 -25.18 6.48 25.77
N GLY A 503 -24.01 6.05 25.30
CA GLY A 503 -23.48 6.35 23.95
C GLY A 503 -22.09 5.81 23.76
N ALA A 504 -21.70 5.53 22.51
CA ALA A 504 -20.38 4.98 22.11
C ALA A 504 -19.35 6.13 22.01
N VAL A 505 -18.08 5.81 22.25
CA VAL A 505 -16.93 6.77 22.18
C VAL A 505 -16.05 6.38 20.99
N LEU A 506 -15.85 7.31 20.05
CA LEU A 506 -14.95 7.15 18.88
C LEU A 506 -13.63 7.88 19.16
N VAL A 507 -12.56 7.13 19.44
CA VAL A 507 -11.20 7.68 19.71
C VAL A 507 -10.42 7.65 18.39
N PHE A 508 -10.10 8.83 17.84
CA PHE A 508 -9.28 9.02 16.61
C PHE A 508 -7.80 9.03 16.99
N LEU A 509 -7.02 8.12 16.39
CA LEU A 509 -5.55 8.00 16.58
C LEU A 509 -4.90 7.86 15.20
N PRO A 510 -3.57 8.09 15.08
CA PRO A 510 -2.88 7.98 13.80
C PRO A 510 -2.98 6.59 13.16
N GLY A 511 -2.39 5.56 13.78
CA GLY A 511 -2.18 4.24 13.16
C GLY A 511 -2.35 3.08 14.13
N TRP A 512 -2.05 1.87 13.66
CA TRP A 512 -2.24 0.57 14.37
C TRP A 512 -1.37 0.51 15.64
N ASN A 513 -0.33 1.34 15.74
CA ASN A 513 0.60 1.38 16.90
C ASN A 513 -0.07 2.06 18.09
N LEU A 514 -0.53 3.31 17.92
CA LEU A 514 -1.12 4.11 19.02
C LEU A 514 -2.49 3.55 19.40
N ILE A 515 -3.12 2.75 18.52
CA ILE A 515 -4.36 1.97 18.81
C ILE A 515 -3.98 0.78 19.69
N TYR A 516 -2.92 0.05 19.32
CA TYR A 516 -2.35 -1.11 20.06
C TYR A 516 -1.92 -0.64 21.45
N THR A 517 -1.23 0.51 21.52
CA THR A 517 -0.66 1.11 22.76
C THR A 517 -1.81 1.55 23.69
N MET A 518 -2.81 2.26 23.16
CA MET A 518 -3.99 2.76 23.92
C MET A 518 -4.78 1.56 24.46
N GLN A 519 -4.94 0.51 23.66
CA GLN A 519 -5.71 -0.71 23.99
C GLN A 519 -5.02 -1.46 25.14
N LYS A 520 -3.73 -1.79 24.97
CA LYS A 520 -2.87 -2.42 26.01
C LYS A 520 -2.96 -1.64 27.32
N HIS A 521 -2.85 -0.31 27.24
CA HIS A 521 -2.89 0.62 28.40
C HIS A 521 -4.21 0.47 29.17
N LEU A 522 -5.33 0.32 28.45
CA LEU A 522 -6.69 0.25 29.05
C LEU A 522 -6.91 -1.09 29.75
N GLU A 523 -6.54 -2.20 29.10
CA GLU A 523 -6.82 -3.58 29.60
C GLU A 523 -6.00 -3.87 30.87
N MET A 524 -4.90 -3.15 31.09
CA MET A 524 -4.10 -3.21 32.35
C MET A 524 -5.01 -2.84 33.54
N ASN A 525 -5.75 -1.74 33.43
CA ASN A 525 -6.74 -1.28 34.44
C ASN A 525 -7.96 -2.20 34.37
N PRO A 526 -8.30 -2.93 35.46
CA PRO A 526 -9.43 -3.86 35.45
C PRO A 526 -10.81 -3.21 35.22
N HIS A 527 -10.93 -1.89 35.41
CA HIS A 527 -12.18 -1.11 35.21
C HIS A 527 -12.66 -1.24 33.76
N PHE A 528 -11.72 -1.20 32.80
CA PHE A 528 -12.00 -1.26 31.34
C PHE A 528 -12.02 -2.73 30.88
N GLY A 529 -12.89 -3.53 31.49
CA GLY A 529 -13.03 -4.98 31.23
C GLY A 529 -14.35 -5.29 30.54
N SER A 530 -14.56 -6.57 30.20
CA SER A 530 -15.72 -7.08 29.42
C SER A 530 -17.04 -6.62 30.03
N HIS A 531 -17.13 -6.63 31.37
CA HIS A 531 -18.36 -6.31 32.15
C HIS A 531 -18.83 -4.88 31.90
N ARG A 532 -17.89 -3.92 31.74
CA ARG A 532 -18.18 -2.46 31.69
C ARG A 532 -17.88 -1.86 30.31
N TYR A 533 -16.82 -2.33 29.62
CA TYR A 533 -16.28 -1.70 28.39
C TYR A 533 -16.06 -2.74 27.29
N GLN A 534 -16.50 -2.44 26.06
CA GLN A 534 -16.14 -3.18 24.82
C GLN A 534 -15.22 -2.28 23.98
N ILE A 535 -13.91 -2.58 23.99
CA ILE A 535 -12.84 -1.79 23.33
C ILE A 535 -12.45 -2.49 22.02
N LEU A 536 -12.89 -1.93 20.88
CA LEU A 536 -12.72 -2.53 19.53
C LEU A 536 -11.73 -1.71 18.72
N PRO A 537 -10.61 -2.33 18.24
CA PRO A 537 -9.68 -1.64 17.35
C PRO A 537 -10.20 -1.63 15.91
N LEU A 538 -9.87 -0.59 15.14
CA LEU A 538 -10.35 -0.39 13.75
C LEU A 538 -9.22 0.23 12.90
N HIS A 539 -8.45 -0.61 12.21
CA HIS A 539 -7.43 -0.20 11.21
C HIS A 539 -7.41 -1.21 10.06
N SER A 540 -6.61 -0.95 9.03
CA SER A 540 -6.61 -1.68 7.73
C SER A 540 -6.29 -3.16 7.94
N GLN A 541 -5.22 -3.47 8.69
CA GLN A 541 -4.61 -4.83 8.77
C GLN A 541 -5.14 -5.59 10.00
N ILE A 542 -6.46 -5.81 10.06
CA ILE A 542 -7.13 -6.78 10.98
C ILE A 542 -8.25 -7.48 10.21
N PRO A 543 -8.71 -8.67 10.65
CA PRO A 543 -9.77 -9.40 9.95
C PRO A 543 -11.07 -8.58 9.87
N ARG A 544 -11.81 -8.74 8.77
CA ARG A 544 -13.08 -8.00 8.50
C ARG A 544 -14.13 -8.40 9.54
N GLU A 545 -14.04 -9.61 10.08
CA GLU A 545 -14.90 -10.11 11.20
C GLU A 545 -14.77 -9.15 12.39
N GLU A 546 -13.53 -8.79 12.76
CA GLU A 546 -13.22 -7.88 13.90
C GLU A 546 -13.64 -6.45 13.55
N GLN A 547 -13.59 -6.07 12.27
CA GLN A 547 -13.94 -4.71 11.79
C GLN A 547 -15.47 -4.55 11.76
N ARG A 548 -16.20 -5.61 11.41
CA ARG A 548 -17.69 -5.62 11.35
C ARG A 548 -18.28 -5.40 12.76
N LYS A 549 -17.55 -5.77 13.81
CA LYS A 549 -18.02 -5.75 15.22
C LYS A 549 -18.25 -4.32 15.72
N VAL A 550 -17.68 -3.30 15.05
CA VAL A 550 -17.79 -1.87 15.47
C VAL A 550 -19.24 -1.38 15.28
N PHE A 551 -19.97 -2.00 14.35
CA PHE A 551 -21.38 -1.64 13.99
C PHE A 551 -22.38 -2.39 14.88
N ASP A 552 -21.96 -3.53 15.45
CA ASP A 552 -22.79 -4.36 16.37
C ASP A 552 -23.18 -3.54 17.59
N PRO A 553 -24.46 -3.53 18.01
CA PRO A 553 -24.86 -2.98 19.30
C PRO A 553 -24.29 -3.81 20.47
N VAL A 554 -24.17 -3.19 21.65
CA VAL A 554 -23.63 -3.83 22.89
C VAL A 554 -24.75 -3.90 23.93
N PRO A 555 -24.65 -4.82 24.92
CA PRO A 555 -25.63 -4.87 26.01
C PRO A 555 -25.54 -3.63 26.90
N SER A 556 -26.68 -3.01 27.22
CA SER A 556 -26.81 -1.80 28.08
C SER A 556 -26.06 -2.02 29.40
N GLY A 557 -25.27 -1.02 29.82
CA GLY A 557 -24.33 -1.12 30.95
C GLY A 557 -22.89 -1.19 30.47
N VAL A 558 -22.66 -1.72 29.26
CA VAL A 558 -21.34 -1.77 28.57
C VAL A 558 -21.23 -0.57 27.62
N THR A 559 -20.05 0.05 27.56
CA THR A 559 -19.73 1.19 26.65
C THR A 559 -18.93 0.67 25.46
N LYS A 560 -19.31 1.08 24.24
CA LYS A 560 -18.61 0.73 22.97
C LYS A 560 -17.57 1.81 22.66
N VAL A 561 -16.29 1.51 22.89
CA VAL A 561 -15.15 2.44 22.64
C VAL A 561 -14.42 1.99 21.37
N ILE A 562 -14.42 2.81 20.32
CA ILE A 562 -13.77 2.53 19.00
C ILE A 562 -12.44 3.29 18.93
N LEU A 563 -11.33 2.57 18.99
CA LEU A 563 -9.95 3.09 18.74
C LEU A 563 -9.64 2.92 17.26
N SER A 564 -9.83 3.97 16.45
CA SER A 564 -9.83 3.91 14.97
C SER A 564 -8.82 4.90 14.36
N THR A 565 -8.43 4.64 13.11
CA THR A 565 -7.71 5.58 12.21
C THR A 565 -8.75 6.49 11.56
N ASN A 566 -8.35 7.30 10.58
CA ASN A 566 -9.25 8.29 9.89
C ASN A 566 -10.15 7.56 8.88
N ILE A 567 -10.17 6.23 8.88
CA ILE A 567 -11.20 5.40 8.17
C ILE A 567 -12.59 5.87 8.61
N ALA A 568 -12.77 6.15 9.91
CA ALA A 568 -14.07 6.51 10.54
C ALA A 568 -14.24 8.04 10.54
N GLU A 569 -13.59 8.75 9.61
CA GLU A 569 -13.63 10.24 9.51
C GLU A 569 -14.68 10.65 8.46
N THR A 570 -14.62 10.05 7.27
CA THR A 570 -15.56 10.32 6.14
C THR A 570 -15.94 9.05 5.36
N SER A 571 -15.26 7.92 5.59
CA SER A 571 -15.36 6.70 4.74
C SER A 571 -16.46 5.77 5.26
N ILE A 572 -16.61 5.65 6.58
CA ILE A 572 -17.66 4.82 7.24
C ILE A 572 -18.23 5.59 8.44
N THR A 573 -19.49 5.32 8.79
CA THR A 573 -20.22 5.94 9.93
C THR A 573 -20.65 4.84 10.91
N ILE A 574 -20.23 4.97 12.17
CA ILE A 574 -20.63 4.06 13.29
C ILE A 574 -21.79 4.71 14.03
N ASN A 575 -22.85 3.94 14.32
CA ASN A 575 -24.10 4.43 14.96
C ASN A 575 -23.97 4.35 16.49
N ASP A 576 -24.74 5.18 17.20
CA ASP A 576 -24.79 5.27 18.67
C ASP A 576 -23.52 5.98 19.19
N VAL A 577 -22.82 6.72 18.32
CA VAL A 577 -21.61 7.51 18.69
C VAL A 577 -22.06 8.90 19.18
N VAL A 578 -21.88 9.16 20.48
CA VAL A 578 -22.25 10.45 21.15
C VAL A 578 -20.96 11.23 21.47
N TYR A 579 -19.88 10.53 21.82
CA TYR A 579 -18.59 11.11 22.26
C TYR A 579 -17.51 10.83 21.22
N VAL A 580 -16.63 11.81 20.99
CA VAL A 580 -15.46 11.71 20.07
C VAL A 580 -14.23 12.29 20.78
N ILE A 581 -13.23 11.46 21.07
CA ILE A 581 -11.89 11.88 21.60
C ILE A 581 -10.92 11.95 20.41
N ASP A 582 -10.55 13.17 20.01
CA ASP A 582 -9.74 13.46 18.80
C ASP A 582 -8.30 13.78 19.21
N SER A 583 -7.33 12.98 18.73
CA SER A 583 -5.87 13.20 18.91
C SER A 583 -5.41 14.42 18.10
N CYS A 584 -6.12 14.73 17.00
CA CYS A 584 -5.84 15.84 16.05
C CYS A 584 -4.57 15.54 15.25
N LYS A 585 -4.29 14.26 15.01
CA LYS A 585 -3.09 13.78 14.27
C LYS A 585 -3.52 13.00 13.03
N GLN A 586 -2.59 12.79 12.09
CA GLN A 586 -2.76 11.98 10.86
C GLN A 586 -1.49 11.16 10.62
N LYS A 587 -1.62 9.92 10.15
CA LYS A 587 -0.46 9.08 9.69
C LYS A 587 -0.40 9.16 8.16
N VAL A 588 0.65 9.79 7.64
CA VAL A 588 0.94 9.93 6.18
C VAL A 588 2.34 9.37 5.92
N LYS A 589 2.52 8.66 4.80
CA LYS A 589 3.84 8.11 4.37
C LYS A 589 4.56 9.18 3.55
N LEU A 590 5.45 9.95 4.18
CA LEU A 590 6.38 10.89 3.49
C LEU A 590 7.60 10.10 3.02
N PHE A 591 8.00 10.29 1.77
CA PHE A 591 9.18 9.63 1.14
C PHE A 591 10.04 10.72 0.47
N THR A 592 11.26 10.92 0.98
CA THR A 592 12.30 11.79 0.38
C THR A 592 13.25 10.91 -0.44
N ALA A 593 13.29 11.12 -1.76
CA ALA A 593 13.99 10.26 -2.74
C ALA A 593 15.51 10.41 -2.61
N HIS A 594 16.00 11.59 -2.22
CA HIS A 594 17.45 11.95 -2.18
C HIS A 594 18.21 10.99 -1.25
N ASN A 595 17.64 10.67 -0.09
CA ASN A 595 18.26 9.79 0.94
C ASN A 595 17.44 8.48 1.09
N ASN A 596 16.38 8.32 0.29
CA ASN A 596 15.50 7.12 0.24
C ASN A 596 14.92 6.85 1.64
N MET A 597 14.40 7.90 2.28
CA MET A 597 13.87 7.88 3.67
C MET A 597 12.35 7.78 3.64
N THR A 598 11.80 6.64 4.09
CA THR A 598 10.36 6.45 4.40
C THR A 598 10.11 6.97 5.83
N ASN A 599 9.18 7.92 5.98
CA ASN A 599 8.77 8.47 7.30
C ASN A 599 7.25 8.31 7.44
N TYR A 600 6.82 7.33 8.24
CA TYR A 600 5.41 7.16 8.70
C TYR A 600 5.16 8.19 9.80
N ALA A 601 5.17 9.47 9.42
CA ALA A 601 5.19 10.64 10.34
C ALA A 601 3.82 10.82 10.97
N THR A 602 3.80 11.27 12.24
CA THR A 602 2.59 11.68 12.99
C THR A 602 2.48 13.21 12.87
N VAL A 603 1.94 13.69 11.75
CA VAL A 603 1.79 15.14 11.44
C VAL A 603 0.42 15.62 11.94
N TRP A 604 0.28 16.94 12.12
CA TRP A 604 -0.97 17.61 12.55
C TRP A 604 -2.06 17.41 11.49
N ALA A 605 -3.31 17.25 11.95
CA ALA A 605 -4.52 17.19 11.10
C ALA A 605 -4.87 18.61 10.66
N SER A 606 -5.73 18.75 9.64
CA SER A 606 -6.24 20.05 9.12
C SER A 606 -7.39 20.53 10.01
N LYS A 607 -7.83 21.78 9.83
CA LYS A 607 -9.06 22.34 10.46
C LYS A 607 -10.27 21.56 9.94
N THR A 608 -10.27 21.25 8.64
CA THR A 608 -11.36 20.49 7.94
C THR A 608 -11.49 19.10 8.59
N ASN A 609 -10.37 18.46 8.91
CA ASN A 609 -10.33 17.12 9.58
C ASN A 609 -11.05 17.22 10.93
N LEU A 610 -10.61 18.13 11.80
CA LEU A 610 -11.13 18.33 13.18
C LEU A 610 -12.62 18.68 13.14
N GLU A 611 -13.08 19.38 12.09
CA GLU A 611 -14.51 19.77 11.91
C GLU A 611 -15.34 18.55 11.50
N GLN A 612 -14.77 17.67 10.65
CA GLN A 612 -15.42 16.41 10.19
C GLN A 612 -15.49 15.42 11.37
N ARG A 613 -14.38 15.25 12.10
CA ARG A 613 -14.26 14.36 13.29
C ARG A 613 -15.23 14.84 14.38
N LYS A 614 -15.38 16.15 14.56
CA LYS A 614 -16.33 16.78 15.53
C LYS A 614 -17.77 16.42 15.15
N GLY A 615 -18.06 16.32 13.85
CA GLY A 615 -19.41 16.04 13.32
C GLY A 615 -19.84 14.59 13.53
N ARG A 616 -18.90 13.70 13.91
CA ARG A 616 -19.14 12.25 14.08
C ARG A 616 -19.88 11.97 15.40
N ALA A 617 -20.00 12.99 16.27
CA ALA A 617 -20.66 12.91 17.60
C ALA A 617 -22.16 13.23 17.47
N GLY A 618 -22.52 14.16 16.57
CA GLY A 618 -23.89 14.69 16.42
C GLY A 618 -24.64 14.01 15.28
N ARG A 619 -24.84 12.69 15.39
CA ARG A 619 -25.65 11.87 14.44
C ARG A 619 -26.76 11.11 15.19
N VAL A 620 -26.68 11.03 16.53
CA VAL A 620 -27.63 10.27 17.39
C VAL A 620 -28.36 11.25 18.32
N ARG A 621 -27.61 12.15 18.98
CA ARG A 621 -28.12 13.11 19.99
C ARG A 621 -27.09 14.22 20.19
N PRO A 622 -27.42 15.32 20.91
CA PRO A 622 -26.42 16.33 21.25
C PRO A 622 -25.17 15.67 21.85
N GLY A 623 -24.03 15.82 21.16
CA GLY A 623 -22.78 15.09 21.45
C GLY A 623 -21.68 16.02 22.00
N PHE A 624 -20.50 15.44 22.24
CA PHE A 624 -19.29 16.13 22.74
C PHE A 624 -18.08 15.66 21.93
N CYS A 625 -17.20 16.59 21.52
CA CYS A 625 -15.91 16.31 20.85
C CYS A 625 -14.75 16.80 21.72
N PHE A 626 -13.81 15.91 22.04
CA PHE A 626 -12.62 16.18 22.90
C PHE A 626 -11.35 16.21 22.04
N HIS A 627 -11.00 17.40 21.53
CA HIS A 627 -9.75 17.67 20.79
C HIS A 627 -8.57 17.70 21.78
N LEU A 628 -7.53 16.91 21.53
CA LEU A 628 -6.32 16.81 22.40
C LEU A 628 -5.21 17.71 21.83
N CYS A 629 -5.59 18.88 21.30
CA CYS A 629 -4.67 19.93 20.79
C CYS A 629 -5.02 21.26 21.47
N SER A 630 -4.01 22.07 21.81
CA SER A 630 -4.16 23.40 22.47
C SER A 630 -5.00 24.32 21.58
N ARG A 631 -5.73 25.26 22.18
CA ARG A 631 -6.56 26.27 21.46
C ARG A 631 -5.65 27.17 20.62
N ALA A 632 -4.38 27.30 21.03
CA ALA A 632 -3.30 28.00 20.27
C ALA A 632 -2.94 27.16 19.02
N ARG A 633 -2.71 25.86 19.20
CA ARG A 633 -2.30 24.91 18.13
C ARG A 633 -3.37 24.88 17.02
N PHE A 634 -4.67 24.91 17.39
CA PHE A 634 -5.81 24.88 16.44
C PHE A 634 -5.72 26.06 15.46
N GLU A 635 -5.27 27.22 15.94
CA GLU A 635 -5.10 28.45 15.13
C GLU A 635 -3.97 28.24 14.10
N ARG A 636 -2.94 27.48 14.48
CA ARG A 636 -1.72 27.22 13.66
C ARG A 636 -1.95 26.08 12.66
N LEU A 637 -3.05 25.33 12.79
CA LEU A 637 -3.40 24.21 11.86
C LEU A 637 -3.71 24.80 10.47
N GLU A 638 -3.28 24.10 9.42
CA GLU A 638 -3.65 24.41 8.01
C GLU A 638 -5.14 24.09 7.82
N THR A 639 -5.80 24.78 6.89
CA THR A 639 -7.25 24.64 6.59
C THR A 639 -7.49 23.25 5.97
N HIS A 640 -6.63 22.82 5.05
CA HIS A 640 -6.73 21.54 4.30
C HIS A 640 -5.41 20.77 4.37
N MET A 641 -5.47 19.44 4.38
CA MET A 641 -4.31 18.53 4.24
C MET A 641 -3.73 18.71 2.83
N THR A 642 -2.40 18.73 2.72
CA THR A 642 -1.65 18.67 1.44
C THR A 642 -2.13 17.44 0.66
N PRO A 643 -2.71 17.60 -0.55
CA PRO A 643 -3.17 16.45 -1.34
C PRO A 643 -2.01 15.53 -1.72
N GLU A 644 -2.28 14.22 -1.80
CA GLU A 644 -1.26 13.15 -2.01
C GLU A 644 -0.43 13.44 -3.26
N MET A 645 -1.06 14.01 -4.30
CA MET A 645 -0.42 14.38 -5.59
C MET A 645 0.86 15.21 -5.35
N PHE A 646 0.83 16.07 -4.33
CA PHE A 646 1.93 17.02 -3.99
C PHE A 646 3.11 16.29 -3.33
N ARG A 647 2.86 15.16 -2.66
CA ARG A 647 3.84 14.56 -1.70
C ARG A 647 3.92 13.03 -1.85
N THR A 648 3.90 12.51 -3.09
CA THR A 648 3.97 11.06 -3.39
C THR A 648 4.76 10.81 -4.67
N PRO A 649 5.65 9.79 -4.71
CA PRO A 649 6.32 9.38 -5.94
C PRO A 649 5.32 9.11 -7.07
N LEU A 650 5.69 9.44 -8.31
CA LEU A 650 4.76 9.47 -9.48
C LEU A 650 5.15 8.42 -10.53
N HIS A 651 6.09 7.52 -10.23
CA HIS A 651 6.65 6.57 -11.22
C HIS A 651 5.62 5.48 -11.57
N GLU A 652 4.81 5.05 -10.60
CA GLU A 652 3.73 4.05 -10.82
C GLU A 652 2.63 4.69 -11.69
N ILE A 653 2.29 5.97 -11.44
CA ILE A 653 1.32 6.75 -12.25
C ILE A 653 1.94 7.05 -13.63
N ALA A 654 3.24 7.36 -13.68
CA ALA A 654 3.99 7.60 -14.93
C ALA A 654 3.87 6.40 -15.88
N LEU A 655 4.07 5.18 -15.36
CA LEU A 655 3.95 3.92 -16.13
C LEU A 655 2.51 3.77 -16.66
N SER A 656 1.50 3.98 -15.80
CA SER A 656 0.06 3.90 -16.16
C SER A 656 -0.22 4.78 -17.38
N ILE A 657 0.24 6.04 -17.35
CA ILE A 657 0.09 7.04 -18.44
C ILE A 657 0.62 6.44 -19.75
N LYS A 658 1.78 5.78 -19.70
CA LYS A 658 2.48 5.24 -20.90
C LYS A 658 1.78 3.98 -21.40
N LEU A 659 1.38 3.09 -20.48
CA LEU A 659 0.65 1.83 -20.81
C LEU A 659 -0.65 2.17 -21.54
N LEU A 660 -1.43 3.11 -20.99
CA LEU A 660 -2.76 3.51 -21.53
C LEU A 660 -2.61 4.45 -22.73
N ARG A 661 -1.37 4.86 -23.06
CA ARG A 661 -1.01 5.67 -24.25
C ARG A 661 -1.75 7.02 -24.17
N LEU A 662 -1.60 7.73 -23.05
CA LEU A 662 -2.24 9.04 -22.79
C LEU A 662 -1.29 10.19 -23.15
N GLY A 663 -0.10 9.87 -23.66
CA GLY A 663 0.90 10.85 -24.13
C GLY A 663 2.04 11.03 -23.13
N GLY A 664 2.56 12.25 -23.02
CA GLY A 664 3.70 12.59 -22.17
C GLY A 664 3.34 12.59 -20.69
N ILE A 665 4.23 12.09 -19.84
CA ILE A 665 4.05 12.01 -18.36
C ILE A 665 3.78 13.41 -17.83
N GLY A 666 4.70 14.35 -18.07
CA GLY A 666 4.60 15.76 -17.64
C GLY A 666 3.42 16.46 -18.31
N GLN A 667 3.19 16.19 -19.60
CA GLN A 667 2.12 16.80 -20.42
C GLN A 667 0.76 16.45 -19.82
N PHE A 668 0.58 15.18 -19.41
CA PHE A 668 -0.70 14.64 -18.88
C PHE A 668 -0.93 15.12 -17.44
N LEU A 669 0.10 15.04 -16.60
CA LEU A 669 0.04 15.43 -15.16
C LEU A 669 -0.17 16.95 -15.03
N ALA A 670 0.12 17.72 -16.09
CA ALA A 670 -0.13 19.18 -16.17
C ALA A 670 -1.64 19.47 -16.24
N LYS A 671 -2.43 18.51 -16.74
CA LYS A 671 -3.90 18.64 -16.91
C LYS A 671 -4.63 18.26 -15.61
N ALA A 672 -3.91 17.78 -14.60
CA ALA A 672 -4.47 17.39 -13.28
C ALA A 672 -5.21 18.56 -12.65
N ILE A 673 -6.18 18.28 -11.78
CA ILE A 673 -7.02 19.29 -11.07
C ILE A 673 -6.11 20.17 -10.20
N GLU A 674 -5.07 19.58 -9.59
CA GLU A 674 -3.95 20.27 -8.90
C GLU A 674 -2.65 19.55 -9.25
N PRO A 675 -1.96 19.95 -10.33
CA PRO A 675 -0.79 19.22 -10.83
C PRO A 675 0.30 18.99 -9.78
N PRO A 676 1.11 17.92 -9.91
CA PRO A 676 2.20 17.66 -8.97
C PRO A 676 3.36 18.63 -9.14
N PRO A 677 4.25 18.77 -8.14
CA PRO A 677 5.43 19.62 -8.28
C PRO A 677 6.38 19.05 -9.35
N LEU A 678 7.18 19.93 -9.96
CA LEU A 678 8.07 19.62 -11.11
C LEU A 678 9.02 18.49 -10.75
N ASP A 679 9.74 18.60 -9.62
CA ASP A 679 10.83 17.67 -9.23
C ASP A 679 10.30 16.24 -9.12
N ALA A 680 9.04 16.07 -8.70
CA ALA A 680 8.35 14.76 -8.55
C ALA A 680 8.17 14.09 -9.92
N VAL A 681 7.91 14.89 -10.96
CA VAL A 681 7.76 14.41 -12.37
C VAL A 681 9.16 14.09 -12.93
N ILE A 682 10.15 14.92 -12.59
CA ILE A 682 11.58 14.76 -13.00
C ILE A 682 12.14 13.50 -12.33
N GLU A 683 11.83 13.31 -11.04
CA GLU A 683 12.28 12.15 -10.22
C GLU A 683 11.67 10.86 -10.79
N ALA A 684 10.39 10.90 -11.18
CA ALA A 684 9.66 9.76 -11.78
C ALA A 684 10.28 9.39 -13.13
N GLU A 685 10.51 10.39 -13.99
CA GLU A 685 11.09 10.21 -15.34
C GLU A 685 12.52 9.65 -15.22
N HIS A 686 13.28 10.11 -14.22
CA HIS A 686 14.66 9.64 -13.93
C HIS A 686 14.63 8.18 -13.47
N THR A 687 13.74 7.85 -12.53
CA THR A 687 13.56 6.49 -11.95
C THR A 687 13.33 5.47 -13.08
N LEU A 688 12.42 5.78 -14.01
CA LEU A 688 11.99 4.86 -15.09
C LEU A 688 13.07 4.76 -16.18
N ARG A 689 13.85 5.84 -16.40
CA ARG A 689 15.00 5.83 -17.35
C ARG A 689 16.09 4.90 -16.81
N GLU A 690 16.42 5.03 -15.52
CA GLU A 690 17.42 4.19 -14.79
C GLU A 690 17.08 2.71 -14.95
N LEU A 691 15.80 2.35 -14.83
CA LEU A 691 15.30 0.94 -14.91
C LEU A 691 15.21 0.47 -16.37
N ASP A 692 15.43 1.36 -17.34
CA ASP A 692 15.22 1.10 -18.80
C ASP A 692 13.75 0.74 -19.03
N ALA A 693 12.84 1.31 -18.22
CA ALA A 693 11.37 1.22 -18.42
C ALA A 693 10.98 2.19 -19.55
N LEU A 694 11.59 3.38 -19.55
CA LEU A 694 11.53 4.36 -20.68
C LEU A 694 12.87 4.33 -21.42
N ASP A 695 12.90 4.87 -22.65
CA ASP A 695 14.12 5.06 -23.47
C ASP A 695 14.49 6.55 -23.45
N ALA A 696 15.33 7.00 -24.38
CA ALA A 696 15.73 8.42 -24.55
C ALA A 696 14.54 9.26 -25.05
N ASN A 697 13.63 8.63 -25.80
CA ASN A 697 12.41 9.27 -26.36
C ASN A 697 11.27 9.26 -25.32
N ASP A 698 11.55 8.82 -24.09
CA ASP A 698 10.58 8.70 -22.97
C ASP A 698 9.39 7.84 -23.40
N GLU A 699 9.62 6.88 -24.30
CA GLU A 699 8.58 5.94 -24.81
C GLU A 699 8.76 4.58 -24.13
N LEU A 700 7.65 3.88 -23.89
CA LEU A 700 7.60 2.64 -23.08
C LEU A 700 8.37 1.53 -23.81
N THR A 701 9.32 0.90 -23.10
CA THR A 701 10.13 -0.25 -23.60
C THR A 701 9.36 -1.54 -23.33
N PRO A 702 9.72 -2.67 -23.97
CA PRO A 702 9.12 -3.97 -23.65
C PRO A 702 9.23 -4.31 -22.15
N LEU A 703 10.35 -3.95 -21.53
CA LEU A 703 10.61 -4.10 -20.07
C LEU A 703 9.60 -3.22 -19.29
N GLY A 704 9.49 -1.95 -19.66
CA GLY A 704 8.55 -0.98 -19.06
C GLY A 704 7.11 -1.42 -19.15
N ARG A 705 6.74 -2.10 -20.25
CA ARG A 705 5.38 -2.63 -20.48
C ARG A 705 5.07 -3.72 -19.44
N ILE A 706 6.04 -4.60 -19.17
CA ILE A 706 5.93 -5.69 -18.15
C ILE A 706 5.76 -5.06 -16.77
N LEU A 707 6.62 -4.10 -16.41
CA LEU A 707 6.63 -3.43 -15.08
C LEU A 707 5.28 -2.76 -14.82
N ALA A 708 4.64 -2.21 -15.87
CA ALA A 708 3.34 -1.51 -15.79
C ALA A 708 2.23 -2.50 -15.43
N LYS A 709 2.27 -3.71 -16.00
CA LYS A 709 1.26 -4.77 -15.81
C LYS A 709 1.40 -5.38 -14.40
N LEU A 710 2.62 -5.49 -13.90
CA LEU A 710 2.93 -5.97 -12.53
C LEU A 710 2.50 -4.91 -11.51
N PRO A 711 1.58 -5.23 -10.57
CA PRO A 711 1.16 -4.27 -9.55
C PRO A 711 2.06 -4.26 -8.29
N ILE A 712 3.36 -4.04 -8.48
CA ILE A 712 4.36 -3.84 -7.38
C ILE A 712 5.39 -2.81 -7.86
N GLU A 713 6.18 -2.28 -6.93
CA GLU A 713 7.29 -1.31 -7.20
C GLU A 713 8.05 -1.75 -8.45
N PRO A 714 8.16 -0.90 -9.49
CA PRO A 714 8.91 -1.25 -10.71
C PRO A 714 10.29 -1.88 -10.48
N ARG A 715 10.96 -1.55 -9.38
CA ARG A 715 12.31 -2.08 -9.05
C ARG A 715 12.19 -3.56 -8.64
N PHE A 716 11.12 -3.93 -7.94
CA PHE A 716 10.79 -5.32 -7.56
C PHE A 716 10.28 -6.10 -8.78
N GLY A 717 9.56 -5.40 -9.67
CA GLY A 717 9.11 -5.95 -10.97
C GLY A 717 10.28 -6.39 -11.82
N LYS A 718 11.35 -5.58 -11.84
CA LYS A 718 12.59 -5.89 -12.60
C LYS A 718 13.36 -6.99 -11.87
N MET A 719 13.33 -6.99 -10.53
CA MET A 719 13.97 -8.03 -9.69
C MET A 719 13.32 -9.39 -9.99
N MET A 720 12.01 -9.42 -10.22
CA MET A 720 11.24 -10.64 -10.57
C MET A 720 11.66 -11.12 -11.96
N ILE A 721 11.79 -10.20 -12.93
CA ILE A 721 12.25 -10.49 -14.32
C ILE A 721 13.64 -11.14 -14.26
N MET A 722 14.56 -10.55 -13.48
CA MET A 722 15.93 -11.07 -13.28
C MET A 722 15.85 -12.45 -12.63
N GLY A 723 14.98 -12.60 -11.62
CA GLY A 723 14.74 -13.88 -10.91
C GLY A 723 14.33 -14.99 -11.86
N CYS A 724 13.47 -14.69 -12.85
CA CYS A 724 13.02 -15.64 -13.90
C CYS A 724 14.24 -16.15 -14.68
N ILE A 725 15.15 -15.25 -15.06
CA ILE A 725 16.38 -15.56 -15.87
C ILE A 725 17.22 -16.61 -15.12
N PHE A 726 17.35 -16.48 -13.80
CA PHE A 726 18.19 -17.35 -12.93
C PHE A 726 17.42 -18.60 -12.49
N TYR A 727 16.15 -18.74 -12.91
CA TYR A 727 15.23 -19.85 -12.56
C TYR A 727 15.03 -19.90 -11.04
N VAL A 728 14.78 -18.73 -10.43
CA VAL A 728 14.39 -18.57 -9.00
C VAL A 728 13.17 -17.65 -8.92
N GLY A 729 12.37 -17.63 -9.98
CA GLY A 729 11.23 -16.72 -10.19
C GLY A 729 10.20 -16.81 -9.08
N ASP A 730 9.99 -18.02 -8.53
CA ASP A 730 8.98 -18.26 -7.46
C ASP A 730 9.39 -17.53 -6.18
N ALA A 731 10.66 -17.68 -5.76
CA ALA A 731 11.20 -17.12 -4.51
C ALA A 731 11.12 -15.58 -4.55
N VAL A 732 11.51 -14.97 -5.67
CA VAL A 732 11.54 -13.49 -5.85
C VAL A 732 10.09 -12.96 -5.90
N CYS A 733 9.18 -13.74 -6.49
CA CYS A 733 7.72 -13.43 -6.55
C CYS A 733 7.12 -13.47 -5.14
N THR A 734 7.53 -14.45 -4.31
CA THR A 734 7.14 -14.59 -2.88
C THR A 734 7.59 -13.34 -2.11
N ILE A 735 8.87 -12.97 -2.23
CA ILE A 735 9.46 -11.78 -1.55
C ILE A 735 8.71 -10.52 -1.99
N SER A 736 8.51 -10.34 -3.30
CA SER A 736 7.83 -9.17 -3.91
C SER A 736 6.40 -9.04 -3.35
N ALA A 737 5.68 -10.16 -3.28
CA ALA A 737 4.28 -10.25 -2.78
C ALA A 737 4.22 -9.78 -1.33
N ALA A 738 5.13 -10.29 -0.49
CA ALA A 738 5.14 -10.12 0.98
C ALA A 738 5.31 -8.64 1.38
N THR A 739 5.82 -7.80 0.47
CA THR A 739 6.00 -6.33 0.70
C THR A 739 4.63 -5.65 0.73
N CYS A 740 3.61 -6.22 0.08
CA CYS A 740 2.25 -5.64 -0.06
C CYS A 740 1.40 -5.89 1.18
N PHE A 741 1.87 -6.75 2.10
CA PHE A 741 1.12 -7.17 3.32
C PHE A 741 2.00 -6.96 4.55
N PRO A 742 1.40 -6.87 5.76
CA PRO A 742 2.20 -6.83 7.00
C PRO A 742 3.02 -8.12 7.17
N GLU A 743 3.96 -8.10 8.13
CA GLU A 743 4.85 -9.25 8.43
C GLU A 743 3.99 -10.43 8.85
N PRO A 744 4.25 -11.65 8.35
CA PRO A 744 3.49 -12.83 8.75
C PRO A 744 3.73 -13.27 10.20
N PHE A 745 4.86 -12.84 10.79
CA PHE A 745 5.21 -13.10 12.22
C PHE A 745 4.32 -12.24 13.13
N ILE A 746 3.88 -12.81 14.26
CA ILE A 746 3.19 -12.10 15.37
C ILE A 746 4.21 -11.86 16.48
N SER A 747 4.99 -10.78 16.35
CA SER A 747 6.10 -10.40 17.28
C SER A 747 5.56 -9.51 18.41
N GLU A 748 4.53 -8.71 18.14
CA GLU A 748 3.86 -7.80 19.11
C GLU A 748 4.82 -6.65 19.47
N GLY A 749 5.60 -6.17 18.50
CA GLY A 749 6.53 -5.04 18.64
C GLY A 749 7.71 -5.36 19.55
N LYS A 750 7.96 -6.64 19.82
CA LYS A 750 9.08 -7.12 20.70
C LYS A 750 10.18 -7.74 19.83
N ARG A 751 11.28 -8.15 20.46
CA ARG A 751 12.36 -8.94 19.81
C ARG A 751 11.82 -10.35 19.51
N LEU A 752 12.27 -10.97 18.42
CA LEU A 752 11.77 -12.30 17.95
C LEU A 752 12.25 -13.39 18.91
N GLY A 753 11.42 -14.43 19.10
CA GLY A 753 11.73 -15.60 19.95
C GLY A 753 12.48 -16.68 19.18
N TYR A 754 12.87 -17.75 19.86
CA TYR A 754 13.64 -18.89 19.32
C TYR A 754 12.96 -19.45 18.06
N VAL A 755 11.62 -19.56 18.10
CA VAL A 755 10.80 -20.19 17.03
C VAL A 755 10.95 -19.37 15.75
N HIS A 756 10.74 -18.05 15.82
CA HIS A 756 10.76 -17.11 14.68
C HIS A 756 12.19 -16.96 14.14
N ARG A 757 13.19 -16.92 15.04
CA ARG A 757 14.62 -16.72 14.66
C ARG A 757 15.15 -17.95 13.92
N ASN A 758 14.64 -19.15 14.23
CA ASN A 758 15.07 -20.44 13.62
C ASN A 758 14.76 -20.45 12.12
N PHE A 759 13.68 -19.79 11.68
CA PHE A 759 13.26 -19.70 10.26
C PHE A 759 14.37 -19.04 9.43
N ALA A 760 15.13 -18.13 10.05
CA ALA A 760 16.22 -17.35 9.41
C ALA A 760 17.36 -18.27 8.99
N GLY A 761 17.55 -19.40 9.68
CA GLY A 761 18.70 -20.30 9.49
C GLY A 761 19.97 -19.65 10.00
N ASN A 762 21.03 -19.66 9.19
CA ASN A 762 22.35 -19.06 9.51
C ASN A 762 22.71 -18.00 8.46
N ARG A 763 21.70 -17.45 7.77
CA ARG A 763 21.86 -16.49 6.65
C ARG A 763 21.79 -15.04 7.18
N PHE A 764 21.46 -14.86 8.46
CA PHE A 764 21.28 -13.53 9.11
C PHE A 764 20.37 -12.67 8.21
N SER A 765 19.23 -13.24 7.81
CA SER A 765 18.29 -12.64 6.81
C SER A 765 16.84 -12.81 7.26
N ASP A 766 16.09 -11.71 7.29
CA ASP A 766 14.62 -11.69 7.53
C ASP A 766 13.91 -12.23 6.29
N HIS A 767 14.48 -12.01 5.09
CA HIS A 767 13.94 -12.46 3.78
C HIS A 767 14.05 -13.98 3.63
N VAL A 768 15.10 -14.58 4.19
CA VAL A 768 15.26 -16.07 4.23
C VAL A 768 14.24 -16.64 5.23
N ALA A 769 14.08 -15.98 6.38
CA ALA A 769 13.06 -16.31 7.40
C ALA A 769 11.68 -16.29 6.75
N LEU A 770 11.39 -15.27 5.94
CA LEU A 770 10.11 -15.12 5.20
C LEU A 770 9.90 -16.33 4.29
N LEU A 771 10.84 -16.59 3.37
CA LEU A 771 10.78 -17.72 2.40
C LEU A 771 10.60 -19.04 3.16
N SER A 772 11.23 -19.18 4.33
CA SER A 772 11.27 -20.42 5.13
C SER A 772 9.91 -20.71 5.80
N VAL A 773 9.22 -19.68 6.31
CA VAL A 773 7.86 -19.85 6.92
C VAL A 773 6.88 -20.28 5.84
N PHE A 774 7.07 -19.83 4.59
CA PHE A 774 6.21 -20.20 3.43
C PHE A 774 6.44 -21.67 3.09
N GLN A 775 7.70 -22.10 3.02
CA GLN A 775 8.09 -23.52 2.79
C GLN A 775 7.44 -24.39 3.88
N ALA A 776 7.56 -23.98 5.15
CA ALA A 776 7.03 -24.70 6.34
C ALA A 776 5.50 -24.66 6.35
N TRP A 777 4.90 -23.52 5.98
CA TRP A 777 3.44 -23.29 5.95
C TRP A 777 2.78 -24.10 4.83
N ASP A 778 3.36 -24.03 3.61
CA ASP A 778 2.86 -24.70 2.39
C ASP A 778 2.93 -26.22 2.57
N ASP A 779 3.87 -26.68 3.41
CA ASP A 779 4.04 -28.12 3.78
C ASP A 779 2.95 -28.51 4.78
N ALA A 780 2.61 -27.63 5.73
CA ALA A 780 1.61 -27.84 6.79
C ALA A 780 0.19 -27.89 6.21
N ARG A 781 -0.06 -27.13 5.14
CA ARG A 781 -1.38 -27.06 4.43
C ARG A 781 -1.76 -28.42 3.86
N MET A 782 -0.78 -29.27 3.53
CA MET A 782 -0.96 -30.62 2.91
C MET A 782 -1.97 -31.43 3.73
N GLY A 783 -2.05 -31.21 5.05
CA GLY A 783 -2.94 -31.94 5.97
C GLY A 783 -4.23 -31.20 6.28
N GLY A 784 -4.81 -30.51 5.29
CA GLY A 784 -6.15 -29.88 5.41
C GLY A 784 -6.10 -28.56 6.19
N GLU A 785 -7.25 -27.93 6.36
CA GLU A 785 -7.40 -26.53 6.87
C GLU A 785 -7.02 -26.44 8.35
N GLU A 786 -7.52 -27.35 9.18
CA GLU A 786 -7.35 -27.29 10.66
C GLU A 786 -5.86 -27.43 11.01
N ALA A 787 -5.12 -28.27 10.29
CA ALA A 787 -3.66 -28.50 10.47
C ALA A 787 -2.90 -27.21 10.15
N GLU A 788 -3.35 -26.46 9.15
CA GLU A 788 -2.79 -25.13 8.77
C GLU A 788 -2.97 -24.16 9.95
N ILE A 789 -4.18 -24.11 10.52
CA ILE A 789 -4.54 -23.20 11.65
C ILE A 789 -3.68 -23.58 12.87
N ARG A 790 -3.46 -24.87 13.11
CA ARG A 790 -2.68 -25.39 14.26
C ARG A 790 -1.21 -25.00 14.10
N PHE A 791 -0.63 -25.20 12.91
CA PHE A 791 0.76 -24.82 12.55
C PHE A 791 0.95 -23.32 12.83
N CYS A 792 0.02 -22.49 12.37
CA CYS A 792 0.07 -21.00 12.48
C CYS A 792 0.00 -20.58 13.96
N GLU A 793 -0.97 -21.11 14.72
CA GLU A 793 -1.15 -20.83 16.17
C GLU A 793 0.12 -21.24 16.93
N HIS A 794 0.60 -22.47 16.70
CA HIS A 794 1.76 -23.08 17.40
C HIS A 794 3.04 -22.29 17.12
N LYS A 795 3.19 -21.74 15.91
CA LYS A 795 4.41 -21.02 15.45
C LYS A 795 4.22 -19.51 15.54
N ARG A 796 3.10 -19.04 16.09
CA ARG A 796 2.76 -17.60 16.26
C ARG A 796 2.82 -16.89 14.91
N LEU A 797 2.08 -17.41 13.92
CA LEU A 797 2.00 -16.86 12.54
C LEU A 797 0.57 -16.40 12.25
N ASN A 798 0.44 -15.30 11.48
CA ASN A 798 -0.85 -14.72 11.03
C ASN A 798 -1.26 -15.40 9.72
N MET A 799 -2.14 -16.40 9.80
CA MET A 799 -2.54 -17.27 8.67
C MET A 799 -3.12 -16.44 7.52
N ALA A 800 -3.96 -15.46 7.83
CA ALA A 800 -4.64 -14.56 6.85
C ALA A 800 -3.61 -13.84 5.98
N THR A 801 -2.44 -13.50 6.54
CA THR A 801 -1.33 -12.80 5.84
C THR A 801 -0.67 -13.76 4.84
N LEU A 802 -0.33 -14.98 5.27
CA LEU A 802 0.39 -15.98 4.45
C LEU A 802 -0.49 -16.38 3.25
N ARG A 803 -1.80 -16.52 3.46
CA ARG A 803 -2.79 -16.92 2.42
C ARG A 803 -2.89 -15.81 1.35
N MET A 804 -3.06 -14.56 1.78
CA MET A 804 -3.19 -13.37 0.89
C MET A 804 -1.88 -13.18 0.10
N THR A 805 -0.73 -13.44 0.73
CA THR A 805 0.62 -13.28 0.13
C THR A 805 0.82 -14.36 -0.94
N TRP A 806 0.50 -15.62 -0.62
CA TRP A 806 0.52 -16.76 -1.57
C TRP A 806 -0.36 -16.43 -2.77
N GLU A 807 -1.61 -16.03 -2.50
CA GLU A 807 -2.61 -15.64 -3.53
C GLU A 807 -1.99 -14.59 -4.46
N ALA A 808 -1.31 -13.59 -3.88
CA ALA A 808 -0.63 -12.48 -4.59
C ALA A 808 0.51 -13.03 -5.46
N LYS A 809 1.30 -13.95 -4.92
CA LYS A 809 2.43 -14.62 -5.63
C LYS A 809 1.92 -15.33 -6.90
N VAL A 810 0.76 -16.00 -6.79
CA VAL A 810 0.12 -16.75 -7.92
C VAL A 810 -0.25 -15.76 -9.03
N GLN A 811 -0.72 -14.56 -8.66
CA GLN A 811 -1.20 -13.51 -9.60
C GLN A 811 -0.01 -12.82 -10.27
N LEU A 812 1.05 -12.53 -9.51
CA LEU A 812 2.33 -11.97 -10.05
C LEU A 812 2.90 -12.96 -11.06
N LYS A 813 2.99 -14.24 -10.68
CA LYS A 813 3.50 -15.35 -11.52
C LYS A 813 2.70 -15.41 -12.83
N GLU A 814 1.37 -15.29 -12.75
CA GLU A 814 0.44 -15.36 -13.91
C GLU A 814 0.79 -14.26 -14.92
N ILE A 815 1.04 -13.03 -14.46
CA ILE A 815 1.31 -11.84 -15.31
C ILE A 815 2.63 -12.04 -16.07
N LEU A 816 3.61 -12.72 -15.45
CA LEU A 816 4.91 -13.06 -16.09
C LEU A 816 4.67 -14.13 -17.17
N ILE A 817 3.87 -15.16 -16.87
CA ILE A 817 3.52 -16.26 -17.81
C ILE A 817 2.90 -15.64 -19.08
N ASN A 818 1.88 -14.80 -18.91
CA ASN A 818 1.12 -14.13 -19.99
C ASN A 818 2.03 -13.17 -20.77
N SER A 819 3.06 -12.62 -20.11
CA SER A 819 4.06 -11.71 -20.73
C SER A 819 5.07 -12.51 -21.56
N GLY A 820 5.06 -13.85 -21.43
CA GLY A 820 5.78 -14.77 -22.33
C GLY A 820 6.80 -15.63 -21.61
N PHE A 821 7.03 -15.42 -20.31
CA PHE A 821 8.05 -16.14 -19.50
C PHE A 821 7.64 -17.60 -19.37
N PRO A 822 8.61 -18.54 -19.39
CA PRO A 822 8.30 -19.97 -19.32
C PRO A 822 7.77 -20.41 -17.94
N GLU A 823 6.98 -21.50 -17.93
CA GLU A 823 6.32 -22.07 -16.73
C GLU A 823 7.38 -22.57 -15.75
N ASP A 824 8.45 -23.17 -16.27
CA ASP A 824 9.43 -23.99 -15.50
C ASP A 824 10.56 -23.10 -14.94
N CYS A 825 10.45 -21.77 -15.06
CA CYS A 825 11.37 -20.78 -14.43
C CYS A 825 10.66 -20.07 -13.27
N LEU A 826 9.47 -20.55 -12.87
CA LEU A 826 8.66 -19.99 -11.77
C LEU A 826 8.14 -21.12 -10.86
N LEU A 827 8.81 -22.28 -10.84
CA LEU A 827 8.42 -23.46 -10.02
C LEU A 827 8.83 -23.21 -8.56
N THR A 828 8.07 -23.76 -7.61
CA THR A 828 8.35 -23.72 -6.15
C THR A 828 9.49 -24.70 -5.86
N GLN A 829 10.73 -24.22 -5.90
CA GLN A 829 11.96 -25.02 -5.64
C GLN A 829 12.21 -25.07 -4.14
N VAL A 830 12.29 -26.28 -3.57
CA VAL A 830 12.64 -26.51 -2.14
C VAL A 830 14.08 -26.03 -1.93
N PHE A 831 14.38 -25.52 -0.73
CA PHE A 831 15.71 -24.95 -0.39
C PHE A 831 16.03 -25.21 1.09
N THR A 832 17.31 -25.12 1.43
CA THR A 832 17.85 -25.20 2.81
C THR A 832 18.36 -23.81 3.21
N ASN A 833 18.12 -23.40 4.46
CA ASN A 833 18.50 -22.06 4.98
C ASN A 833 19.73 -22.20 5.90
N THR A 834 20.33 -23.39 5.97
CA THR A 834 21.53 -23.70 6.80
C THR A 834 22.68 -24.18 5.89
N GLY A 835 22.43 -25.23 5.10
CA GLY A 835 23.43 -25.85 4.21
C GLY A 835 23.66 -25.04 2.94
N PRO A 836 24.64 -25.42 2.09
CA PRO A 836 24.87 -24.73 0.82
C PRO A 836 23.65 -24.82 -0.12
N ASP A 837 23.20 -23.67 -0.62
CA ASP A 837 22.04 -23.53 -1.55
C ASP A 837 22.29 -22.35 -2.49
N ASN A 838 22.61 -22.63 -3.75
CA ASN A 838 23.03 -21.61 -4.76
C ASN A 838 21.80 -20.84 -5.26
N ASN A 839 20.61 -21.46 -5.22
CA ASN A 839 19.34 -20.82 -5.62
C ASN A 839 18.98 -19.72 -4.62
N LEU A 840 19.23 -19.96 -3.32
CA LEU A 840 19.01 -18.97 -2.24
C LEU A 840 20.08 -17.86 -2.33
N ASP A 841 21.32 -18.23 -2.66
CA ASP A 841 22.46 -17.29 -2.87
C ASP A 841 22.05 -16.22 -3.90
N VAL A 842 21.46 -16.66 -5.02
CA VAL A 842 21.08 -15.80 -6.17
C VAL A 842 19.88 -14.92 -5.79
N VAL A 843 18.92 -15.45 -5.01
CA VAL A 843 17.73 -14.70 -4.54
C VAL A 843 18.20 -13.48 -3.74
N ILE A 844 19.16 -13.68 -2.81
CA ILE A 844 19.69 -12.61 -1.91
C ILE A 844 20.50 -11.60 -2.73
N SER A 845 21.17 -12.03 -3.81
CA SER A 845 21.83 -11.15 -4.79
C SER A 845 20.78 -10.25 -5.45
N LEU A 846 19.66 -10.84 -5.88
CA LEU A 846 18.56 -10.11 -6.56
C LEU A 846 17.79 -9.25 -5.55
N LEU A 847 17.73 -9.67 -4.29
CA LEU A 847 17.13 -8.85 -3.18
C LEU A 847 17.90 -7.52 -3.08
N ALA A 848 19.23 -7.60 -3.04
CA ALA A 848 20.15 -6.43 -2.97
C ALA A 848 19.77 -5.41 -4.03
N PHE A 849 19.49 -5.87 -5.26
CA PHE A 849 19.06 -5.02 -6.40
C PHE A 849 17.73 -4.34 -6.06
N GLY A 850 16.74 -5.13 -5.64
CA GLY A 850 15.34 -4.70 -5.42
C GLY A 850 15.23 -3.59 -4.38
N VAL A 851 15.95 -3.72 -3.26
CA VAL A 851 15.80 -2.83 -2.08
C VAL A 851 16.76 -1.64 -2.17
N TYR A 852 17.72 -1.66 -3.11
CA TYR A 852 18.66 -0.53 -3.36
C TYR A 852 17.86 0.76 -3.54
N PRO A 853 18.30 1.92 -2.99
CA PRO A 853 19.59 2.07 -2.33
C PRO A 853 19.64 1.87 -0.80
N ASN A 854 18.83 0.93 -0.27
CA ASN A 854 18.85 0.56 1.17
C ASN A 854 19.95 -0.48 1.41
N VAL A 855 21.19 -0.01 1.62
CA VAL A 855 22.33 -0.82 2.15
C VAL A 855 22.90 -0.08 3.37
N CYS A 856 23.52 -0.80 4.30
CA CYS A 856 24.09 -0.23 5.55
C CYS A 856 25.27 -1.06 6.04
N TYR A 857 26.15 -0.46 6.84
CA TYR A 857 27.37 -1.04 7.45
C TYR A 857 27.13 -1.19 8.97
N HIS A 858 27.48 -2.35 9.53
CA HIS A 858 27.36 -2.63 11.00
C HIS A 858 28.66 -2.23 11.71
N LYS A 859 28.52 -1.50 12.83
CA LYS A 859 29.64 -1.06 13.69
C LYS A 859 29.66 -1.91 14.97
N GLU A 860 28.72 -1.68 15.88
CA GLU A 860 28.59 -2.40 17.18
C GLU A 860 27.12 -2.49 17.58
N LYS A 861 26.70 -3.63 18.14
CA LYS A 861 25.33 -3.90 18.65
C LYS A 861 24.31 -3.57 17.56
N ARG A 862 23.38 -2.63 17.82
CA ARG A 862 22.26 -2.27 16.91
C ARG A 862 22.66 -1.09 16.02
N LYS A 863 23.75 -0.40 16.35
CA LYS A 863 24.19 0.85 15.66
C LYS A 863 24.77 0.47 14.29
N ILE A 864 24.18 0.97 13.21
CA ILE A 864 24.59 0.74 11.79
C ILE A 864 24.78 2.09 11.09
N LEU A 865 25.58 2.11 10.02
CA LEU A 865 25.88 3.30 9.19
C LEU A 865 25.07 3.23 7.89
N THR A 866 24.32 4.30 7.57
CA THR A 866 23.47 4.43 6.35
C THR A 866 24.34 4.91 5.18
N THR A 867 23.73 5.13 4.01
CA THR A 867 24.41 5.57 2.76
C THR A 867 24.80 7.05 2.84
N GLU A 868 24.25 7.80 3.80
CA GLU A 868 24.50 9.25 4.00
C GLU A 868 25.65 9.44 5.00
N GLY A 869 26.18 8.34 5.55
CA GLY A 869 27.21 8.34 6.61
C GLY A 869 26.62 8.70 7.97
N ARG A 870 25.31 8.50 8.14
CA ARG A 870 24.55 8.83 9.39
C ARG A 870 24.33 7.56 10.21
N ASN A 871 24.10 7.73 11.51
CA ASN A 871 23.89 6.62 12.49
C ASN A 871 22.43 6.17 12.41
N ALA A 872 22.21 4.84 12.40
CA ALA A 872 20.89 4.19 12.36
C ALA A 872 20.89 2.95 13.26
N LEU A 873 19.70 2.41 13.56
CA LEU A 873 19.50 1.24 14.46
C LEU A 873 18.98 0.05 13.64
N ILE A 874 19.32 -1.17 14.08
CA ILE A 874 18.70 -2.45 13.65
C ILE A 874 17.34 -2.56 14.35
N HIS A 875 16.25 -2.67 13.58
CA HIS A 875 14.85 -2.71 14.11
C HIS A 875 14.69 -3.91 15.04
N LYS A 876 13.96 -3.74 16.15
CA LYS A 876 13.75 -4.76 17.21
C LYS A 876 13.22 -6.06 16.59
N SER A 877 12.31 -5.94 15.62
CA SER A 877 11.56 -7.04 14.98
C SER A 877 12.47 -7.91 14.10
N SER A 878 13.68 -7.43 13.77
CA SER A 878 14.66 -8.15 12.91
C SER A 878 15.22 -9.37 13.66
N VAL A 879 15.60 -10.41 12.91
CA VAL A 879 16.33 -11.61 13.42
C VAL A 879 17.77 -11.20 13.72
N ASN A 880 18.28 -10.20 13.00
CA ASN A 880 19.68 -9.69 13.12
C ASN A 880 19.81 -8.78 14.34
N CYS A 881 18.68 -8.38 14.96
CA CYS A 881 18.67 -7.62 16.24
C CYS A 881 19.17 -8.53 17.35
N PRO A 882 20.22 -8.14 18.10
CA PRO A 882 20.79 -8.99 19.14
C PRO A 882 19.82 -9.15 20.32
N PHE A 883 19.36 -10.38 20.55
CA PHE A 883 18.58 -10.81 21.74
C PHE A 883 19.47 -10.63 22.97
N SER A 884 19.04 -9.77 23.92
CA SER A 884 19.75 -9.50 25.19
CA SER A 884 19.75 -9.49 25.19
C SER A 884 21.14 -8.93 24.91
N SER A 885 22.16 -9.33 25.69
CA SER A 885 23.53 -8.74 25.71
C SER A 885 24.46 -9.42 24.70
N GLN A 886 24.21 -10.68 24.31
CA GLN A 886 25.07 -11.46 23.38
C GLN A 886 25.12 -10.73 22.02
N ASP A 887 26.25 -10.07 21.74
CA ASP A 887 26.51 -9.36 20.45
C ASP A 887 26.71 -10.41 19.35
N MET A 888 26.09 -10.20 18.19
CA MET A 888 26.11 -11.15 17.05
C MET A 888 27.42 -11.00 16.27
N LYS A 889 28.07 -12.12 15.96
CA LYS A 889 29.31 -12.20 15.15
C LYS A 889 28.93 -12.41 13.69
N TYR A 890 28.60 -11.32 12.99
CA TYR A 890 28.22 -11.32 11.55
C TYR A 890 29.45 -11.64 10.71
N PRO A 891 29.39 -12.62 9.78
CA PRO A 891 30.51 -12.90 8.88
C PRO A 891 30.76 -11.78 7.85
N SER A 892 29.82 -10.84 7.72
CA SER A 892 29.93 -9.61 6.90
C SER A 892 29.22 -8.45 7.62
N PRO A 893 29.77 -7.22 7.59
CA PRO A 893 29.11 -6.07 8.22
C PRO A 893 28.03 -5.41 7.34
N PHE A 894 27.90 -5.86 6.09
CA PHE A 894 27.02 -5.26 5.05
C PHE A 894 25.64 -5.91 5.08
N PHE A 895 24.58 -5.08 5.09
CA PHE A 895 23.16 -5.50 5.12
C PHE A 895 22.34 -4.62 4.15
N VAL A 896 21.62 -5.25 3.22
CA VAL A 896 20.50 -4.63 2.45
C VAL A 896 19.22 -4.89 3.26
N PHE A 897 18.22 -4.00 3.14
CA PHE A 897 17.00 -4.02 3.99
C PHE A 897 15.80 -3.40 3.27
N GLY A 898 14.60 -3.70 3.77
CA GLY A 898 13.31 -3.32 3.16
C GLY A 898 13.06 -1.82 3.23
N GLU A 899 12.66 -1.32 4.39
CA GLU A 899 12.26 0.10 4.62
C GLU A 899 13.33 0.81 5.45
N LYS A 900 13.65 2.07 5.10
CA LYS A 900 14.49 2.99 5.93
C LYS A 900 13.56 3.90 6.72
N ILE A 901 13.01 3.39 7.83
CA ILE A 901 12.01 4.09 8.70
C ILE A 901 12.73 5.19 9.50
N ARG A 902 12.26 6.44 9.38
CA ARG A 902 12.71 7.59 10.21
C ARG A 902 11.65 7.86 11.28
N THR A 903 12.02 7.72 12.56
CA THR A 903 11.17 8.00 13.75
C THR A 903 11.92 8.99 14.65
N ARG A 904 12.37 8.57 15.83
CA ARG A 904 13.29 9.34 16.70
C ARG A 904 14.69 9.25 16.11
N ALA A 905 15.12 8.04 15.75
CA ALA A 905 16.35 7.74 14.99
C ALA A 905 15.99 6.92 13.74
N ILE A 906 16.96 6.73 12.84
CA ILE A 906 16.82 5.92 11.60
C ILE A 906 16.84 4.44 12.00
N SER A 907 15.82 3.67 11.59
CA SER A 907 15.61 2.24 11.97
C SER A 907 15.47 1.39 10.70
N ALA A 908 16.49 0.60 10.36
CA ALA A 908 16.51 -0.33 9.22
C ALA A 908 15.70 -1.58 9.57
N LYS A 909 14.57 -1.81 8.87
CA LYS A 909 13.63 -2.94 9.12
C LYS A 909 13.72 -3.94 7.96
N GLY A 910 13.63 -5.24 8.29
CA GLY A 910 13.69 -6.35 7.32
C GLY A 910 15.06 -6.45 6.67
N MET A 911 16.08 -6.87 7.44
CA MET A 911 17.51 -6.80 7.05
C MET A 911 17.99 -8.17 6.57
N THR A 912 18.82 -8.18 5.52
CA THR A 912 19.48 -9.37 4.94
C THR A 912 20.98 -9.12 4.76
N LEU A 913 21.81 -9.93 5.39
CA LEU A 913 23.29 -9.93 5.23
C LEU A 913 23.62 -10.20 3.75
N VAL A 914 24.58 -9.45 3.20
CA VAL A 914 25.13 -9.67 1.83
C VAL A 914 26.65 -9.56 1.91
N THR A 915 27.36 -10.28 1.05
CA THR A 915 28.85 -10.24 0.93
C THR A 915 29.25 -8.93 0.26
N PRO A 916 30.52 -8.49 0.37
CA PRO A 916 31.00 -7.30 -0.32
C PRO A 916 30.93 -7.44 -1.86
N LEU A 917 30.99 -8.67 -2.37
CA LEU A 917 30.87 -8.99 -3.82
C LEU A 917 29.43 -8.68 -4.28
N GLN A 918 28.44 -9.08 -3.48
CA GLN A 918 27.00 -8.80 -3.71
C GLN A 918 26.74 -7.29 -3.60
N LEU A 919 27.48 -6.60 -2.71
CA LEU A 919 27.43 -5.12 -2.56
C LEU A 919 27.81 -4.46 -3.89
N LEU A 920 28.93 -4.88 -4.48
CA LEU A 920 29.51 -4.28 -5.71
C LEU A 920 28.66 -4.64 -6.94
N LEU A 921 28.03 -5.82 -6.94
CA LEU A 921 27.29 -6.35 -8.13
C LEU A 921 25.94 -5.61 -8.28
N PHE A 922 25.13 -5.55 -7.21
CA PHE A 922 23.71 -5.11 -7.29
C PHE A 922 23.39 -3.97 -6.32
N ALA A 923 24.06 -3.88 -5.16
CA ALA A 923 23.74 -2.91 -4.08
C ALA A 923 24.64 -1.66 -4.17
N SER A 924 24.88 -1.16 -5.38
CA SER A 924 25.74 0.03 -5.64
C SER A 924 25.49 0.56 -7.07
N LYS A 925 25.68 1.87 -7.26
CA LYS A 925 25.59 2.55 -8.58
C LYS A 925 26.99 3.05 -8.97
N LYS A 926 27.55 4.00 -8.21
CA LYS A 926 28.85 4.65 -8.50
C LYS A 926 29.96 3.94 -7.73
N VAL A 927 31.06 3.60 -8.42
CA VAL A 927 32.27 2.93 -7.85
C VAL A 927 33.51 3.59 -8.45
N GLN A 928 34.36 4.18 -7.60
CA GLN A 928 35.66 4.80 -7.96
C GLN A 928 36.80 3.97 -7.36
N SER A 929 37.89 3.75 -8.11
CA SER A 929 39.08 2.97 -7.69
C SER A 929 40.34 3.83 -7.78
N ASP A 930 41.26 3.68 -6.82
CA ASP A 930 42.59 4.33 -6.81
C ASP A 930 43.69 3.29 -7.09
N GLY A 931 43.31 2.01 -7.26
CA GLY A 931 44.23 0.89 -7.53
C GLY A 931 44.24 -0.12 -6.40
N GLN A 932 44.17 0.35 -5.14
CA GLN A 932 44.17 -0.50 -3.92
C GLN A 932 42.78 -0.48 -3.27
N ILE A 933 42.22 0.73 -3.06
CA ILE A 933 40.91 0.97 -2.41
C ILE A 933 39.87 1.31 -3.49
N VAL A 934 38.61 0.96 -3.26
CA VAL A 934 37.44 1.36 -4.10
C VAL A 934 36.44 2.11 -3.20
N LEU A 935 35.73 3.09 -3.76
CA LEU A 935 34.75 3.95 -3.05
C LEU A 935 33.34 3.68 -3.60
N VAL A 936 32.52 2.98 -2.81
CA VAL A 936 31.12 2.58 -3.18
C VAL A 936 30.18 3.72 -2.77
N ASP A 937 29.65 4.46 -3.74
CA ASP A 937 28.63 5.54 -3.57
C ASP A 937 29.06 6.51 -2.47
N ASP A 938 30.34 6.89 -2.45
CA ASP A 938 30.93 7.97 -1.60
C ASP A 938 30.42 7.86 -0.15
N TRP A 939 30.38 6.65 0.42
CA TRP A 939 29.92 6.42 1.83
C TRP A 939 30.70 5.28 2.51
N ILE A 940 31.09 4.23 1.77
CA ILE A 940 31.91 3.11 2.33
C ILE A 940 32.98 2.69 1.30
N ARG A 941 34.14 2.25 1.80
CA ARG A 941 35.33 1.87 1.00
C ARG A 941 35.64 0.38 1.22
N LEU A 942 36.09 -0.31 0.16
CA LEU A 942 36.56 -1.72 0.20
C LEU A 942 38.03 -1.77 -0.24
N GLN A 943 38.79 -2.70 0.33
CA GLN A 943 40.17 -3.04 -0.13
C GLN A 943 40.09 -4.32 -0.96
N ILE A 944 39.92 -4.16 -2.28
CA ILE A 944 39.76 -5.27 -3.26
C ILE A 944 40.54 -4.92 -4.53
N SER A 945 41.08 -5.94 -5.21
CA SER A 945 41.82 -5.81 -6.50
C SER A 945 40.96 -5.02 -7.49
N HIS A 946 41.54 -3.98 -8.10
CA HIS A 946 40.89 -3.13 -9.15
C HIS A 946 40.29 -4.03 -10.24
N GLU A 947 40.96 -5.13 -10.59
CA GLU A 947 40.55 -6.08 -11.66
C GLU A 947 39.19 -6.69 -11.32
N ALA A 948 39.03 -7.23 -10.11
CA ALA A 948 37.79 -7.92 -9.65
C ALA A 948 36.63 -6.93 -9.55
N ALA A 949 36.86 -5.74 -9.00
CA ALA A 949 35.85 -4.68 -8.76
C ALA A 949 35.27 -4.19 -10.09
N ALA A 950 36.11 -3.99 -11.10
CA ALA A 950 35.72 -3.49 -12.45
C ALA A 950 35.01 -4.60 -13.23
N CYS A 951 35.38 -5.86 -12.98
CA CYS A 951 34.78 -7.07 -13.61
C CYS A 951 33.36 -7.30 -13.06
N ILE A 952 33.20 -7.21 -11.74
CA ILE A 952 31.88 -7.33 -11.04
C ILE A 952 30.96 -6.20 -11.52
N THR A 953 31.53 -5.00 -11.76
CA THR A 953 30.81 -3.82 -12.29
C THR A 953 30.41 -4.04 -13.75
N ALA A 954 31.19 -4.83 -14.49
CA ALA A 954 30.95 -5.17 -15.91
C ALA A 954 29.83 -6.21 -16.03
N LEU A 955 29.79 -7.18 -15.11
CA LEU A 955 28.72 -8.20 -15.03
C LEU A 955 27.36 -7.51 -14.89
N ARG A 956 27.29 -6.51 -14.01
CA ARG A 956 26.06 -5.69 -13.76
C ARG A 956 25.53 -5.15 -15.09
N ALA A 957 26.42 -4.58 -15.92
CA ALA A 957 26.09 -3.99 -17.24
C ALA A 957 25.71 -5.11 -18.21
N ALA A 958 26.44 -6.24 -18.17
CA ALA A 958 26.19 -7.45 -18.97
C ALA A 958 24.79 -7.99 -18.67
N MET A 959 24.39 -7.95 -17.39
CA MET A 959 23.09 -8.43 -16.88
C MET A 959 21.97 -7.50 -17.37
N GLU A 960 22.16 -6.18 -17.23
CA GLU A 960 21.21 -5.14 -17.71
C GLU A 960 20.92 -5.36 -19.20
N ALA A 961 21.98 -5.57 -19.99
CA ALA A 961 21.92 -5.84 -21.45
C ALA A 961 21.08 -7.09 -21.72
N LEU A 962 21.29 -8.15 -20.92
CA LEU A 962 20.55 -9.44 -21.05
C LEU A 962 19.07 -9.22 -20.67
N VAL A 963 18.81 -8.46 -19.61
CA VAL A 963 17.43 -8.13 -19.13
C VAL A 963 16.68 -7.44 -20.28
N VAL A 964 17.33 -6.51 -20.98
CA VAL A 964 16.75 -5.77 -22.15
C VAL A 964 16.43 -6.78 -23.26
N GLU A 965 17.42 -7.58 -23.65
CA GLU A 965 17.29 -8.62 -24.72
C GLU A 965 16.17 -9.61 -24.34
N VAL A 966 16.12 -10.04 -23.07
CA VAL A 966 15.13 -11.03 -22.56
C VAL A 966 13.72 -10.44 -22.67
N THR A 967 13.52 -9.16 -22.32
CA THR A 967 12.20 -8.50 -22.26
C THR A 967 11.61 -8.32 -23.68
N LYS A 968 12.47 -8.28 -24.71
CA LYS A 968 12.05 -8.23 -26.14
C LYS A 968 11.40 -9.56 -26.54
N GLN A 969 11.88 -10.67 -25.97
CA GLN A 969 11.38 -12.05 -26.25
C GLN A 969 11.66 -12.92 -25.02
N PRO A 970 10.77 -12.92 -23.99
CA PRO A 970 11.05 -13.58 -22.72
C PRO A 970 11.37 -15.08 -22.76
N ASN A 971 10.95 -15.79 -23.82
CA ASN A 971 11.08 -17.27 -23.93
C ASN A 971 12.53 -17.68 -24.24
N ILE A 972 13.45 -16.73 -24.43
CA ILE A 972 14.87 -17.00 -24.82
C ILE A 972 15.67 -17.50 -23.61
N ILE A 973 15.12 -17.40 -22.39
CA ILE A 973 15.82 -17.86 -21.14
C ILE A 973 15.81 -19.39 -21.09
N SER A 974 14.98 -20.05 -21.94
CA SER A 974 14.95 -21.52 -22.14
C SER A 974 16.31 -22.00 -22.67
N GLN A 975 16.73 -21.50 -23.84
CA GLN A 975 18.05 -21.80 -24.46
C GLN A 975 18.77 -20.47 -24.71
N LEU A 976 19.81 -20.20 -23.91
CA LEU A 976 20.64 -18.97 -23.98
C LEU A 976 21.97 -19.29 -24.65
N ASP A 977 22.61 -18.27 -25.26
CA ASP A 977 23.96 -18.37 -25.87
C ASP A 977 24.95 -18.83 -24.80
N PRO A 978 25.83 -19.81 -25.09
CA PRO A 978 26.86 -20.25 -24.14
C PRO A 978 27.51 -19.09 -23.38
N VAL A 979 27.79 -17.98 -24.09
CA VAL A 979 28.44 -16.75 -23.56
C VAL A 979 27.55 -16.12 -22.48
N ASN A 980 26.24 -16.04 -22.71
CA ASN A 980 25.26 -15.42 -21.77
C ASN A 980 25.16 -16.27 -20.49
N GLU A 981 25.13 -17.60 -20.62
CA GLU A 981 25.03 -18.54 -19.47
C GLU A 981 26.33 -18.54 -18.67
N HIS A 982 27.46 -18.16 -19.29
CA HIS A 982 28.80 -18.10 -18.63
C HIS A 982 28.83 -16.93 -17.64
N MET A 983 28.18 -15.80 -17.97
CA MET A 983 28.12 -14.60 -17.07
C MET A 983 27.07 -14.83 -15.98
N LEU A 984 26.00 -15.59 -16.29
CA LEU A 984 24.96 -15.98 -15.31
C LEU A 984 25.60 -16.91 -14.26
N ASN A 985 26.36 -17.90 -14.72
CA ASN A 985 27.11 -18.86 -13.86
C ASN A 985 28.12 -18.09 -13.01
N MET A 986 28.72 -17.02 -13.55
CA MET A 986 29.73 -16.18 -12.86
C MET A 986 29.06 -15.34 -11.77
N ILE A 987 27.84 -14.84 -12.03
CA ILE A 987 27.01 -14.11 -11.02
C ILE A 987 26.59 -15.11 -9.93
N ARG A 988 26.15 -16.30 -10.32
CA ARG A 988 25.82 -17.42 -9.40
C ARG A 988 27.02 -17.67 -8.48
N GLN A 989 28.25 -17.66 -9.03
CA GLN A 989 29.51 -17.93 -8.30
C GLN A 989 29.74 -16.88 -7.22
N ILE A 990 29.73 -15.59 -7.58
CA ILE A 990 30.05 -14.45 -6.65
C ILE A 990 28.84 -14.15 -5.75
N SER A 991 27.68 -14.79 -6.01
CA SER A 991 26.49 -14.75 -5.13
C SER A 991 26.72 -15.63 -3.88
N ARG A 992 27.63 -16.60 -3.98
CA ARG A 992 27.93 -17.58 -2.89
C ARG A 992 28.64 -16.86 -1.74
N PRO A 993 28.43 -17.29 -0.47
CA PRO A 993 29.21 -16.81 0.66
C PRO A 993 30.71 -17.14 0.53
N SER A 994 31.02 -18.38 0.14
CA SER A 994 32.39 -18.93 0.00
C SER A 994 33.23 -18.03 -0.93
N ALA A 995 32.62 -17.44 -1.95
CA ALA A 995 33.25 -16.52 -2.93
C ALA A 995 33.95 -15.36 -2.21
N ALA A 996 33.43 -14.92 -1.06
CA ALA A 996 34.01 -13.86 -0.20
C ALA A 996 34.64 -14.49 1.06
N GLY A 997 35.06 -15.75 0.97
CA GLY A 997 35.74 -16.51 2.04
C GLY A 997 34.90 -16.57 3.31
N ILE A 998 33.58 -16.81 3.18
CA ILE A 998 32.62 -16.91 4.30
C ILE A 998 31.99 -18.31 4.29
N ASN A 999 31.94 -18.96 5.45
CA ASN A 999 31.20 -20.24 5.70
C ASN A 999 30.17 -19.99 6.80
N LEU A 1000 28.89 -20.00 6.45
CA LEU A 1000 27.76 -19.62 7.34
C LEU A 1000 27.48 -20.74 8.35
N MET A 1001 28.04 -21.94 8.13
CA MET A 1001 27.82 -23.15 8.99
C MET A 1001 28.79 -23.13 10.18
N ILE A 1002 29.79 -22.24 10.18
CA ILE A 1002 30.84 -22.14 11.25
C ILE A 1002 30.64 -20.82 12.00
#